data_3QMW
#
_entry.id   3QMW
#
_cell.length_a   155.545
_cell.length_b   45.013
_cell.length_c   156.403
_cell.angle_alpha   90.00
_cell.angle_beta   109.49
_cell.angle_gamma   90.00
#
_symmetry.space_group_name_H-M   'C 1 2 1'
#
loop_
_entity.id
_entity.type
_entity.pdbx_description
1 polymer Thioesterase
2 non-polymer 'TETRAETHYLENE GLYCOL'
3 water water
#
_entity_poly.entity_id   1
_entity_poly.type   'polypeptide(L)'
_entity_poly.pdbx_seq_one_letter_code
;SNALLSQRSAWFPRPVAAPAAEPPDPAAAPLRLVCFPYAGGTVSAFRGWQERLGDEVAVVPVQLPGRGLRLRERPYDTME
PLAEAVADALEEHRLTHDYALFGHSMGALLAYEVACVLRRRGAPRPRHLFVSGSRAPHLYGDRADHTLSDTALREVIRDL
GGLDDADTLGAAYFDRRLPVLRADLRACERYDWHPRPPLDCPTTAFSAAADPIATPEMVEAWRPYTTGSFLRRHLPGNHF
FLNGGPSRDRLLAHLGTEL
;
_entity_poly.pdbx_strand_id   A,B,C,D
#
loop_
_chem_comp.id
_chem_comp.type
_chem_comp.name
_chem_comp.formula
PG4 non-polymer 'TETRAETHYLENE GLYCOL' 'C8 H18 O5'
#
# COMPACT_ATOMS: atom_id res chain seq x y z
N SER A 9 5.67 -38.12 -14.81
CA SER A 9 6.60 -37.78 -15.94
C SER A 9 7.93 -37.22 -15.47
N ALA A 10 8.93 -37.34 -16.35
CA ALA A 10 10.32 -36.98 -16.07
C ALA A 10 10.57 -35.48 -15.90
N TRP A 11 9.61 -34.65 -16.31
CA TRP A 11 9.72 -33.22 -16.13
C TRP A 11 9.56 -32.82 -14.65
N PHE A 12 8.71 -33.55 -13.93
CA PHE A 12 8.26 -33.17 -12.62
C PHE A 12 8.42 -34.31 -11.62
N PRO A 13 9.69 -34.67 -11.33
CA PRO A 13 9.89 -35.68 -10.30
C PRO A 13 9.40 -35.14 -8.96
N ARG A 14 8.75 -35.98 -8.15
CA ARG A 14 8.27 -35.49 -6.87
C ARG A 14 9.42 -35.46 -5.89
N PRO A 15 9.69 -34.26 -5.32
CA PRO A 15 10.90 -34.05 -4.51
C PRO A 15 10.95 -34.95 -3.28
N VAL A 16 12.11 -35.00 -2.64
CA VAL A 16 12.26 -35.87 -1.48
C VAL A 16 11.86 -35.13 -0.21
N ALA A 17 10.85 -35.67 0.48
CA ALA A 17 10.41 -35.15 1.77
C ALA A 17 11.61 -34.84 2.66
N ALA A 18 11.78 -33.56 3.03
CA ALA A 18 12.88 -33.13 3.89
C ALA A 18 12.62 -33.51 5.35
N ALA A 21 15.90 -32.33 10.72
CA ALA A 21 16.06 -30.91 10.97
C ALA A 21 16.65 -30.64 12.36
N GLU A 22 17.89 -30.11 12.40
CA GLU A 22 18.62 -29.88 13.65
C GLU A 22 18.45 -28.43 14.18
N PRO A 23 17.62 -28.26 15.25
CA PRO A 23 17.21 -26.93 15.66
C PRO A 23 18.33 -26.13 16.29
N PRO A 24 18.60 -24.93 15.77
CA PRO A 24 19.76 -24.14 16.22
C PRO A 24 19.77 -23.90 17.72
N ASP A 25 20.96 -23.70 18.27
CA ASP A 25 21.09 -23.45 19.70
C ASP A 25 20.65 -22.02 19.98
N PRO A 26 19.65 -21.85 20.87
CA PRO A 26 19.21 -20.54 21.34
C PRO A 26 20.36 -19.57 21.63
N ALA A 27 21.41 -20.04 22.30
CA ALA A 27 22.53 -19.20 22.66
C ALA A 27 23.45 -18.82 21.48
N ALA A 28 23.41 -19.59 20.39
CA ALA A 28 24.29 -19.35 19.21
C ALA A 28 23.62 -18.54 18.11
N ALA A 29 22.35 -18.85 17.81
CA ALA A 29 21.64 -18.32 16.63
C ALA A 29 21.77 -16.82 16.46
N PRO A 30 21.76 -16.35 15.19
CA PRO A 30 21.81 -14.91 14.91
C PRO A 30 20.61 -14.12 15.45
N LEU A 31 19.49 -14.79 15.69
CA LEU A 31 18.32 -14.14 16.28
C LEU A 31 17.45 -15.08 17.09
N ARG A 32 16.98 -14.60 18.23
CA ARG A 32 15.98 -15.32 19.01
C ARG A 32 14.63 -14.67 18.83
N LEU A 33 13.62 -15.49 18.57
CA LEU A 33 12.23 -15.04 18.51
C LEU A 33 11.45 -15.64 19.67
N VAL A 34 11.35 -14.89 20.76
CA VAL A 34 10.67 -15.33 21.99
C VAL A 34 9.16 -15.20 21.83
N CYS A 35 8.43 -16.29 22.05
CA CYS A 35 7.01 -16.38 21.70
C CYS A 35 6.11 -16.63 22.90
N PHE A 36 5.00 -15.90 22.94
CA PHE A 36 4.05 -15.93 24.05
C PHE A 36 2.70 -16.38 23.56
N PRO A 37 2.10 -17.38 24.20
CA PRO A 37 0.78 -17.83 23.77
C PRO A 37 -0.37 -16.97 24.29
N TYR A 38 -1.58 -17.32 23.87
CA TYR A 38 -2.79 -16.66 24.32
C TYR A 38 -3.25 -17.20 25.69
N ALA A 39 -4.37 -16.69 26.20
CA ALA A 39 -4.86 -17.09 27.51
C ALA A 39 -5.12 -18.59 27.55
N GLY A 40 -4.63 -19.26 28.57
CA GLY A 40 -4.84 -20.69 28.71
C GLY A 40 -4.33 -21.53 27.55
N GLY A 41 -3.33 -21.01 26.85
CA GLY A 41 -2.65 -21.72 25.80
C GLY A 41 -1.26 -22.14 26.28
N THR A 42 -0.60 -23.01 25.52
CA THR A 42 0.72 -23.48 25.87
C THR A 42 1.70 -23.22 24.73
N VAL A 43 2.96 -23.56 24.96
CA VAL A 43 3.94 -23.52 23.89
C VAL A 43 3.56 -24.42 22.70
N SER A 44 2.58 -25.32 22.88
CA SER A 44 2.07 -26.13 21.77
C SER A 44 1.63 -25.32 20.56
N ALA A 45 1.13 -24.12 20.78
CA ALA A 45 0.70 -23.27 19.65
C ALA A 45 1.86 -22.82 18.75
N PHE A 46 3.11 -23.05 19.18
CA PHE A 46 4.25 -22.66 18.37
C PHE A 46 4.98 -23.88 17.79
N ARG A 47 4.32 -25.03 17.81
CA ARG A 47 4.86 -26.25 17.21
C ARG A 47 4.82 -26.12 15.71
N GLY A 48 5.93 -26.47 15.06
CA GLY A 48 6.07 -26.34 13.61
C GLY A 48 6.81 -25.08 13.19
N TRP A 49 6.94 -24.12 14.11
CA TRP A 49 7.46 -22.79 13.78
C TRP A 49 8.92 -22.83 13.32
N GLN A 50 9.79 -23.44 14.11
CA GLN A 50 11.22 -23.47 13.80
C GLN A 50 11.47 -24.01 12.40
N GLU A 51 10.77 -25.08 12.06
CA GLU A 51 10.85 -25.70 10.74
C GLU A 51 10.46 -24.72 9.66
N ARG A 52 9.38 -23.98 9.88
CA ARG A 52 8.89 -23.02 8.89
C ARG A 52 9.75 -21.74 8.77
N LEU A 53 10.47 -21.37 9.83
CA LEU A 53 11.19 -20.11 9.87
C LEU A 53 12.68 -20.22 9.56
N GLY A 54 13.21 -21.44 9.54
CA GLY A 54 14.58 -21.67 9.14
C GLY A 54 15.58 -21.81 10.28
N ASP A 55 16.85 -21.52 9.98
CA ASP A 55 17.97 -21.73 10.90
C ASP A 55 18.68 -20.44 11.33
N GLU A 56 18.29 -19.31 10.77
CA GLU A 56 18.85 -18.04 11.22
C GLU A 56 18.16 -17.54 12.49
N VAL A 57 17.07 -18.20 12.87
CA VAL A 57 16.32 -17.79 14.05
C VAL A 57 15.98 -18.98 14.93
N ALA A 58 16.33 -18.90 16.20
CA ALA A 58 15.93 -19.90 17.20
C ALA A 58 14.58 -19.53 17.79
N VAL A 59 13.57 -20.34 17.55
CA VAL A 59 12.24 -20.14 18.13
C VAL A 59 12.24 -20.56 19.60
N VAL A 60 11.96 -19.62 20.49
CA VAL A 60 11.96 -19.85 21.94
C VAL A 60 10.58 -19.63 22.54
N PRO A 61 9.70 -20.63 22.44
CA PRO A 61 8.41 -20.57 23.13
C PRO A 61 8.60 -20.44 24.61
N VAL A 62 7.78 -19.62 25.25
CA VAL A 62 7.84 -19.44 26.70
C VAL A 62 6.67 -20.15 27.33
N GLN A 63 6.97 -21.04 28.27
CA GLN A 63 5.97 -21.79 28.99
C GLN A 63 5.71 -21.11 30.33
N LEU A 64 4.56 -20.46 30.48
CA LEU A 64 4.19 -19.82 31.74
C LEU A 64 3.84 -20.87 32.80
N PRO A 65 4.13 -20.58 34.09
CA PRO A 65 3.67 -21.38 35.21
C PRO A 65 2.20 -21.75 35.11
N GLY A 66 1.86 -22.94 35.56
CA GLY A 66 0.48 -23.41 35.59
C GLY A 66 0.10 -24.41 34.54
N ARG A 67 0.96 -24.65 33.56
CA ARG A 67 0.63 -25.56 32.45
C ARG A 67 1.78 -26.52 32.06
N GLY A 68 1.43 -27.54 31.28
CA GLY A 68 2.40 -28.54 30.82
C GLY A 68 3.13 -29.19 31.98
N LEU A 69 4.46 -29.15 31.96
CA LEU A 69 5.25 -29.67 33.07
C LEU A 69 5.23 -28.74 34.27
N ARG A 70 4.69 -27.53 34.09
CA ARG A 70 4.53 -26.58 35.18
C ARG A 70 3.10 -26.59 35.73
N LEU A 71 2.36 -27.67 35.44
CA LEU A 71 0.94 -27.80 35.78
C LEU A 71 0.64 -27.57 37.26
N ARG A 72 1.52 -28.02 38.15
CA ARG A 72 1.30 -27.88 39.59
C ARG A 72 1.98 -26.64 40.19
N GLU A 73 2.72 -25.88 39.38
CA GLU A 73 3.20 -24.58 39.82
C GLU A 73 2.00 -23.60 39.80
N ARG A 74 1.98 -22.66 40.72
CA ARG A 74 0.86 -21.70 40.77
C ARG A 74 1.07 -20.62 39.69
N PRO A 75 0.03 -20.35 38.90
CA PRO A 75 0.15 -19.39 37.81
C PRO A 75 0.08 -17.93 38.27
N TYR A 76 0.85 -17.07 37.61
CA TYR A 76 0.74 -15.64 37.74
C TYR A 76 -0.62 -15.23 37.19
N ASP A 77 -1.30 -14.29 37.85
CA ASP A 77 -2.53 -13.72 37.30
C ASP A 77 -2.55 -12.20 37.29
N THR A 78 -1.40 -11.56 37.47
CA THR A 78 -1.26 -10.12 37.30
C THR A 78 -0.17 -9.90 36.27
N MET A 79 -0.39 -8.99 35.33
CA MET A 79 0.52 -8.88 34.19
C MET A 79 1.92 -8.39 34.58
N GLU A 80 2.01 -7.50 35.55
CA GLU A 80 3.29 -6.83 35.85
C GLU A 80 4.29 -7.80 36.55
N PRO A 81 3.83 -8.54 37.57
CA PRO A 81 4.73 -9.53 38.15
C PRO A 81 5.11 -10.66 37.17
N LEU A 82 4.18 -11.04 36.30
CA LEU A 82 4.49 -11.96 35.21
C LEU A 82 5.59 -11.38 34.32
N ALA A 83 5.48 -10.10 34.01
CA ALA A 83 6.49 -9.42 33.18
C ALA A 83 7.89 -9.49 33.77
N GLU A 84 7.96 -9.31 35.09
CA GLU A 84 9.22 -9.29 35.85
C GLU A 84 9.83 -10.66 35.91
N ALA A 85 9.03 -11.66 36.25
CA ALA A 85 9.52 -13.04 36.26
C ALA A 85 10.05 -13.38 34.87
N VAL A 86 9.31 -13.08 33.81
CA VAL A 86 9.75 -13.41 32.47
C VAL A 86 11.08 -12.71 32.15
N ALA A 87 11.16 -11.41 32.40
CA ALA A 87 12.41 -10.67 32.20
C ALA A 87 13.57 -11.27 32.97
N ASP A 88 13.31 -11.74 34.19
CA ASP A 88 14.33 -12.42 34.97
C ASP A 88 14.77 -13.69 34.30
N ALA A 89 13.81 -14.46 33.78
CA ALA A 89 14.14 -15.69 33.08
C ALA A 89 14.93 -15.38 31.80
N LEU A 90 14.57 -14.31 31.08
CA LEU A 90 15.28 -13.97 29.84
C LEU A 90 16.73 -13.56 30.09
N GLU A 91 16.96 -12.71 31.09
CA GLU A 91 18.32 -12.28 31.45
C GLU A 91 19.15 -13.44 32.00
N GLU A 92 18.63 -14.12 33.01
CA GLU A 92 19.27 -15.31 33.60
C GLU A 92 19.77 -16.31 32.55
N HIS A 93 19.08 -16.43 31.42
CA HIS A 93 19.49 -17.37 30.37
C HIS A 93 20.11 -16.72 29.14
N ARG A 94 20.58 -15.49 29.31
CA ARG A 94 21.38 -14.78 28.32
C ARG A 94 20.72 -14.64 26.94
N LEU A 95 19.41 -14.55 26.95
CA LEU A 95 18.64 -14.40 25.77
C LEU A 95 18.33 -12.97 25.48
N THR A 96 18.94 -12.03 26.16
CA THR A 96 18.62 -10.64 26.01
C THR A 96 19.44 -9.88 24.97
N HIS A 97 19.95 -10.56 23.97
CA HIS A 97 20.60 -9.86 22.91
C HIS A 97 20.08 -10.45 21.63
N ASP A 98 19.97 -9.66 20.60
CA ASP A 98 19.56 -10.16 19.34
C ASP A 98 18.31 -10.99 19.36
N TYR A 99 17.25 -10.39 19.88
CA TYR A 99 15.98 -11.02 20.08
C TYR A 99 14.82 -10.22 19.55
N ALA A 100 13.73 -10.90 19.39
CA ALA A 100 12.45 -10.28 19.01
C ALA A 100 11.37 -11.00 19.80
N LEU A 101 10.24 -10.31 19.93
CA LEU A 101 9.14 -10.78 20.77
C LEU A 101 7.94 -11.01 19.88
N PHE A 102 7.20 -12.07 20.13
CA PHE A 102 5.93 -12.27 19.48
C PHE A 102 4.88 -12.63 20.53
N GLY A 103 3.66 -12.15 20.33
CA GLY A 103 2.57 -12.49 21.22
C GLY A 103 1.20 -12.43 20.58
N HIS A 104 0.42 -13.48 20.80
CA HIS A 104 -0.94 -13.55 20.28
C HIS A 104 -1.91 -13.29 21.41
N SER A 105 -2.82 -12.36 21.19
CA SER A 105 -3.83 -12.00 22.18
C SER A 105 -3.22 -11.58 23.52
N MET A 106 -3.53 -12.30 24.58
CA MET A 106 -2.97 -12.03 25.91
C MET A 106 -1.45 -11.96 25.82
N GLY A 107 -0.89 -12.88 25.03
CA GLY A 107 0.55 -12.97 24.85
C GLY A 107 1.20 -11.73 24.25
N ALA A 108 0.45 -10.98 23.45
CA ALA A 108 0.93 -9.73 22.91
C ALA A 108 1.16 -8.73 24.03
N LEU A 109 0.16 -8.56 24.90
CA LEU A 109 0.26 -7.64 26.04
C LEU A 109 1.48 -7.99 26.86
N LEU A 110 1.64 -9.29 27.16
CA LEU A 110 2.80 -9.77 27.92
C LEU A 110 4.10 -9.38 27.21
N ALA A 111 4.17 -9.59 25.89
CA ALA A 111 5.32 -9.18 25.10
C ALA A 111 5.62 -7.69 25.21
N TYR A 112 4.58 -6.87 25.10
CA TYR A 112 4.76 -5.41 25.17
C TYR A 112 5.30 -5.00 26.53
N GLU A 113 4.69 -5.54 27.59
CA GLU A 113 5.15 -5.30 28.96
C GLU A 113 6.56 -5.85 29.25
N VAL A 114 6.88 -7.02 28.72
CA VAL A 114 8.22 -7.54 28.86
C VAL A 114 9.24 -6.57 28.22
N ALA A 115 8.92 -6.07 27.02
CA ALA A 115 9.77 -5.11 26.34
C ALA A 115 9.99 -3.89 27.21
N CYS A 116 8.93 -3.43 27.84
CA CYS A 116 9.01 -2.24 28.68
C CYS A 116 9.86 -2.49 29.94
N VAL A 117 9.80 -3.68 30.49
CA VAL A 117 10.61 -4.02 31.68
C VAL A 117 12.10 -4.11 31.36
N LEU A 118 12.43 -4.72 30.23
CA LEU A 118 13.79 -4.84 29.77
C LEU A 118 14.46 -3.49 29.55
N ARG A 119 13.77 -2.55 28.90
CA ARG A 119 14.32 -1.22 28.71
C ARG A 119 14.60 -0.56 30.06
N ARG A 120 13.64 -0.67 30.98
CA ARG A 120 13.78 -0.12 32.34
C ARG A 120 15.02 -0.60 33.04
N ARG A 121 15.37 -1.86 32.82
CA ARG A 121 16.52 -2.50 33.46
C ARG A 121 17.87 -2.24 32.77
N GLY A 122 17.83 -1.57 31.61
CA GLY A 122 19.03 -1.24 30.87
C GLY A 122 19.38 -2.24 29.78
N ALA A 123 18.57 -3.29 29.65
CA ALA A 123 18.85 -4.37 28.71
C ALA A 123 18.83 -3.85 27.29
N PRO A 124 19.53 -4.53 26.36
CA PRO A 124 19.42 -4.06 24.99
C PRO A 124 18.01 -4.24 24.49
N ARG A 125 17.59 -3.36 23.58
CA ARG A 125 16.21 -3.34 23.08
C ARG A 125 15.99 -4.43 22.00
N PRO A 126 14.73 -4.89 21.86
CA PRO A 126 14.43 -5.91 20.86
C PRO A 126 14.51 -5.38 19.43
N ARG A 127 14.90 -6.24 18.49
CA ARG A 127 14.93 -5.86 17.07
C ARG A 127 13.55 -5.65 16.48
N HIS A 128 12.55 -6.34 17.01
CA HIS A 128 11.18 -6.20 16.53
C HIS A 128 10.20 -6.63 17.62
N LEU A 129 8.99 -6.07 17.57
CA LEU A 129 7.90 -6.51 18.44
C LEU A 129 6.74 -6.94 17.57
N PHE A 130 6.36 -8.20 17.63
CA PHE A 130 5.25 -8.69 16.85
C PHE A 130 4.06 -8.93 17.76
N VAL A 131 2.93 -8.29 17.44
CA VAL A 131 1.69 -8.42 18.22
C VAL A 131 0.55 -8.85 17.34
N SER A 132 -0.13 -9.90 17.73
CA SER A 132 -1.12 -10.55 16.89
C SER A 132 -2.41 -10.69 17.65
N GLY A 133 -3.54 -10.51 16.97
CA GLY A 133 -4.83 -10.73 17.60
C GLY A 133 -5.02 -10.08 18.95
N SER A 134 -4.50 -8.86 19.11
CA SER A 134 -4.62 -8.12 20.37
C SER A 134 -4.93 -6.64 20.21
N ARG A 135 -5.93 -6.21 20.97
CA ARG A 135 -6.19 -4.79 21.14
C ARG A 135 -4.98 -4.10 21.74
N ALA A 136 -4.97 -2.77 21.70
CA ALA A 136 -3.87 -2.00 22.21
C ALA A 136 -3.89 -2.02 23.75
N PRO A 137 -2.73 -1.81 24.40
CA PRO A 137 -2.68 -1.95 25.87
C PRO A 137 -3.81 -1.25 26.63
N HIS A 138 -3.99 0.04 26.42
CA HIS A 138 -5.01 0.79 27.16
C HIS A 138 -6.45 0.36 26.93
N LEU A 139 -6.68 -0.40 25.87
CA LEU A 139 -8.03 -0.85 25.56
C LEU A 139 -8.37 -2.14 26.33
N TYR A 140 -7.39 -2.69 27.03
CA TYR A 140 -7.65 -3.83 27.93
C TYR A 140 -8.32 -3.36 29.21
N GLY A 141 -9.18 -4.21 29.78
CA GLY A 141 -9.83 -3.93 31.08
C GLY A 141 -11.34 -3.82 31.05
N ASP A 142 -11.93 -3.96 29.87
CA ASP A 142 -13.38 -3.82 29.72
C ASP A 142 -14.17 -5.11 29.98
N ARG A 143 -13.53 -6.23 29.77
CA ARG A 143 -14.14 -7.53 29.82
C ARG A 143 -14.10 -8.24 31.14
N ALA A 144 -14.94 -9.24 31.30
CA ALA A 144 -14.98 -10.04 32.49
C ALA A 144 -15.09 -11.53 32.25
N ASP A 145 -14.50 -12.07 31.22
CA ASP A 145 -14.64 -13.48 30.90
C ASP A 145 -14.13 -14.42 31.99
N HIS A 146 -13.17 -13.97 32.74
CA HIS A 146 -12.53 -14.73 33.81
C HIS A 146 -13.46 -14.90 35.01
N THR A 147 -14.58 -14.17 35.02
CA THR A 147 -15.57 -14.29 36.10
C THR A 147 -16.73 -15.25 35.75
N LEU A 148 -16.79 -15.71 34.50
CA LEU A 148 -17.96 -16.49 34.03
C LEU A 148 -17.96 -17.86 34.66
N SER A 149 -19.11 -18.53 34.64
CA SER A 149 -19.21 -19.91 35.11
C SER A 149 -18.47 -20.81 34.13
N ASP A 150 -18.03 -21.96 34.63
CA ASP A 150 -17.29 -22.93 33.85
C ASP A 150 -17.89 -23.19 32.46
N THR A 151 -19.18 -23.51 32.39
CA THR A 151 -19.80 -23.84 31.09
C THR A 151 -19.91 -22.59 30.21
N ALA A 152 -20.27 -21.48 30.82
CA ALA A 152 -20.31 -20.18 30.16
C ALA A 152 -18.97 -19.79 29.55
N LEU A 153 -17.86 -20.02 30.25
CA LEU A 153 -16.56 -19.59 29.75
C LEU A 153 -16.14 -20.48 28.58
N ARG A 154 -16.41 -21.78 28.74
CA ARG A 154 -16.17 -22.76 27.69
C ARG A 154 -16.85 -22.39 26.40
N GLU A 155 -18.11 -22.02 26.51
CA GLU A 155 -18.89 -21.62 25.35
C GLU A 155 -18.35 -20.36 24.71
N VAL A 156 -17.85 -19.43 25.51
CA VAL A 156 -17.20 -18.24 24.96
C VAL A 156 -16.01 -18.62 24.07
N ILE A 157 -15.08 -19.43 24.61
CA ILE A 157 -13.87 -19.79 23.84
C ILE A 157 -14.22 -20.71 22.67
N ARG A 158 -15.15 -21.64 22.91
CA ARG A 158 -15.69 -22.49 21.83
C ARG A 158 -16.24 -21.64 20.69
N ASP A 159 -16.99 -20.59 21.01
CA ASP A 159 -17.58 -19.75 19.98
C ASP A 159 -16.56 -18.81 19.32
N LEU A 160 -15.47 -18.48 20.00
CA LEU A 160 -14.37 -17.68 19.40
C LEU A 160 -13.44 -18.52 18.51
N GLY A 161 -13.68 -19.82 18.48
CA GLY A 161 -12.97 -20.73 17.58
C GLY A 161 -11.81 -21.47 18.23
N GLY A 162 -11.80 -21.55 19.55
CA GLY A 162 -10.64 -22.06 20.28
C GLY A 162 -10.64 -23.54 20.66
N LEU A 163 -11.56 -24.32 20.10
CA LEU A 163 -11.56 -25.77 20.28
C LEU A 163 -12.01 -26.48 19.00
N ASP A 167 -3.55 -32.21 16.74
CA ASP A 167 -4.29 -30.96 16.93
C ASP A 167 -3.69 -30.13 18.08
N THR A 168 -4.47 -29.20 18.62
CA THR A 168 -4.07 -28.31 19.72
C THR A 168 -4.20 -28.92 21.14
N LEU A 169 -5.25 -29.73 21.34
CA LEU A 169 -5.62 -30.35 22.63
C LEU A 169 -6.35 -29.39 23.61
N GLY A 170 -6.68 -28.19 23.14
CA GLY A 170 -7.53 -27.28 23.89
C GLY A 170 -8.79 -27.99 24.30
N ALA A 171 -9.50 -28.54 23.30
CA ALA A 171 -10.71 -29.32 23.51
C ALA A 171 -10.48 -30.46 24.50
N ALA A 172 -9.43 -31.24 24.25
CA ALA A 172 -9.09 -32.34 25.14
C ALA A 172 -8.79 -31.86 26.57
N TYR A 173 -7.93 -30.86 26.72
CA TYR A 173 -7.44 -30.48 28.05
C TYR A 173 -8.03 -29.18 28.60
N PHE A 174 -9.28 -28.91 28.27
CA PHE A 174 -9.98 -27.71 28.71
C PHE A 174 -10.16 -27.63 30.23
N ASP A 175 -10.94 -28.57 30.79
CA ASP A 175 -11.20 -28.63 32.24
C ASP A 175 -9.94 -28.59 33.11
N ARG A 176 -8.90 -29.25 32.63
CA ARG A 176 -7.62 -29.28 33.29
C ARG A 176 -6.93 -27.92 33.21
N ARG A 177 -7.21 -27.15 32.16
CA ARG A 177 -6.59 -25.84 31.93
C ARG A 177 -7.44 -24.66 32.39
N LEU A 178 -8.64 -24.97 32.83
CA LEU A 178 -9.59 -23.94 33.23
C LEU A 178 -8.99 -23.00 34.26
N PRO A 179 -8.20 -23.52 35.21
CA PRO A 179 -7.58 -22.62 36.19
C PRO A 179 -6.53 -21.66 35.63
N VAL A 180 -5.76 -22.06 34.62
CA VAL A 180 -4.80 -21.12 34.00
C VAL A 180 -5.48 -20.24 32.98
N LEU A 181 -6.61 -20.68 32.48
CA LEU A 181 -7.37 -19.82 31.59
C LEU A 181 -7.86 -18.62 32.41
N ARG A 182 -8.43 -18.91 33.58
CA ARG A 182 -8.94 -17.84 34.43
C ARG A 182 -7.84 -16.88 34.84
N ALA A 183 -6.71 -17.42 35.27
CA ALA A 183 -5.60 -16.60 35.73
C ALA A 183 -5.02 -15.70 34.61
N ASP A 184 -4.87 -16.26 33.40
CA ASP A 184 -4.34 -15.56 32.24
C ASP A 184 -5.31 -14.43 31.87
N LEU A 185 -6.59 -14.76 31.88
CA LEU A 185 -7.63 -13.77 31.51
C LEU A 185 -7.75 -12.67 32.56
N ARG A 186 -7.56 -13.02 33.84
CA ARG A 186 -7.56 -12.00 34.88
C ARG A 186 -6.47 -10.98 34.61
N ALA A 187 -5.28 -11.45 34.28
CA ALA A 187 -4.13 -10.59 34.06
C ALA A 187 -4.36 -9.65 32.91
N CYS A 188 -5.25 -9.99 31.98
CA CYS A 188 -5.59 -9.08 30.90
C CYS A 188 -6.73 -8.20 31.31
N GLU A 189 -7.79 -8.82 31.79
CA GLU A 189 -9.02 -8.14 32.12
C GLU A 189 -8.95 -7.21 33.36
N ARG A 190 -7.90 -7.32 34.17
CA ARG A 190 -7.72 -6.42 35.31
C ARG A 190 -6.48 -5.57 35.11
N TYR A 191 -6.12 -5.38 33.85
CA TYR A 191 -4.94 -4.64 33.50
C TYR A 191 -5.33 -3.19 33.27
N ASP A 192 -4.67 -2.25 33.98
CA ASP A 192 -4.81 -0.83 33.66
C ASP A 192 -3.45 -0.25 33.36
N TRP A 193 -3.27 0.13 32.09
CA TRP A 193 -2.04 0.69 31.60
C TRP A 193 -1.57 1.84 32.48
N HIS A 194 -0.40 1.67 33.07
CA HIS A 194 0.30 2.74 33.77
C HIS A 194 1.20 3.42 32.72
N PRO A 195 1.07 4.75 32.58
CA PRO A 195 1.83 5.47 31.57
C PRO A 195 3.36 5.29 31.61
N ARG A 196 3.93 5.07 30.43
CA ARG A 196 5.35 5.00 30.22
C ARG A 196 5.58 5.43 28.78
N PRO A 197 6.84 5.76 28.42
CA PRO A 197 7.11 6.20 27.05
C PRO A 197 6.89 5.09 26.04
N PRO A 198 6.67 5.45 24.76
CA PRO A 198 6.64 4.47 23.70
C PRO A 198 7.96 3.71 23.62
N LEU A 199 7.88 2.47 23.14
CA LEU A 199 9.06 1.71 22.80
C LEU A 199 9.72 2.43 21.64
N ASP A 200 10.87 1.93 21.20
CA ASP A 200 11.53 2.48 20.04
C ASP A 200 11.63 1.49 18.89
N CYS A 201 11.27 0.22 19.12
CA CYS A 201 11.53 -0.83 18.13
C CYS A 201 10.44 -0.88 17.09
N PRO A 202 10.77 -1.31 15.87
CA PRO A 202 9.70 -1.44 14.88
C PRO A 202 8.73 -2.49 15.34
N THR A 203 7.46 -2.34 14.97
CA THR A 203 6.42 -3.20 15.48
C THR A 203 5.45 -3.61 14.36
N THR A 204 5.25 -4.91 14.16
CA THR A 204 4.19 -5.36 13.27
C THR A 204 3.04 -5.90 14.11
N ALA A 205 1.83 -5.58 13.67
CA ALA A 205 0.64 -5.95 14.38
C ALA A 205 -0.16 -6.79 13.42
N PHE A 206 -0.83 -7.83 13.90
CA PHE A 206 -1.61 -8.71 13.04
C PHE A 206 -3.05 -8.78 13.51
N SER A 207 -3.98 -8.56 12.60
CA SER A 207 -5.40 -8.62 12.91
C SER A 207 -6.10 -9.56 11.94
N ALA A 208 -7.23 -10.13 12.35
CA ALA A 208 -7.95 -11.08 11.50
C ALA A 208 -9.38 -10.66 11.24
N ALA A 209 -9.85 -10.93 10.02
CA ALA A 209 -11.10 -10.41 9.48
C ALA A 209 -12.35 -10.91 10.19
N ALA A 210 -12.29 -12.07 10.83
CA ALA A 210 -13.47 -12.59 11.53
C ALA A 210 -13.28 -12.57 13.06
N ASP A 211 -12.51 -11.59 13.56
CA ASP A 211 -12.12 -11.54 14.97
C ASP A 211 -12.83 -10.38 15.70
N PRO A 212 -13.95 -10.68 16.40
CA PRO A 212 -14.75 -9.64 17.08
C PRO A 212 -14.05 -9.02 18.28
N ILE A 213 -13.14 -9.78 18.88
CA ILE A 213 -12.44 -9.32 20.07
C ILE A 213 -11.32 -8.34 19.74
N ALA A 214 -10.55 -8.60 18.68
CA ALA A 214 -9.44 -7.73 18.32
C ALA A 214 -9.60 -7.20 16.89
N THR A 215 -10.62 -6.36 16.74
CA THR A 215 -11.00 -5.75 15.48
C THR A 215 -9.85 -4.90 14.92
N PRO A 216 -9.92 -4.55 13.63
CA PRO A 216 -8.86 -3.68 13.09
C PRO A 216 -8.73 -2.34 13.83
N GLU A 217 -9.85 -1.76 14.24
CA GLU A 217 -9.85 -0.47 14.94
C GLU A 217 -9.03 -0.60 16.22
N MET A 218 -9.31 -1.65 16.99
CA MET A 218 -8.55 -1.95 18.22
C MET A 218 -7.07 -2.29 17.98
N VAL A 219 -6.73 -2.93 16.85
CA VAL A 219 -5.33 -3.30 16.58
C VAL A 219 -4.53 -2.11 16.07
N GLU A 220 -5.15 -1.29 15.23
CA GLU A 220 -4.51 -0.07 14.68
C GLU A 220 -4.03 0.88 15.78
N ALA A 221 -4.73 0.83 16.92
CA ALA A 221 -4.43 1.67 18.05
C ALA A 221 -3.08 1.39 18.71
N TRP A 222 -2.44 0.27 18.37
CA TRP A 222 -1.05 0.00 18.79
C TRP A 222 -0.05 1.01 18.24
N ARG A 223 -0.37 1.65 17.12
CA ARG A 223 0.58 2.54 16.43
C ARG A 223 1.46 3.44 17.33
N PRO A 224 0.86 4.23 18.27
CA PRO A 224 1.67 5.20 19.05
C PRO A 224 2.52 4.62 20.16
N TYR A 225 2.41 3.32 20.40
CA TYR A 225 3.19 2.66 21.44
C TYR A 225 4.62 2.41 21.01
N THR A 226 4.97 2.76 19.77
CA THR A 226 6.37 2.82 19.36
C THR A 226 6.69 4.05 18.50
N THR A 227 7.90 4.57 18.65
CA THR A 227 8.43 5.63 17.78
C THR A 227 9.01 5.09 16.49
N GLY A 228 9.27 3.78 16.45
CA GLY A 228 9.74 3.10 15.26
C GLY A 228 8.58 2.96 14.32
N SER A 229 8.76 2.17 13.26
CA SER A 229 7.73 2.06 12.23
C SER A 229 6.66 1.07 12.67
N PHE A 230 5.45 1.26 12.15
CA PHE A 230 4.34 0.38 12.46
C PHE A 230 3.72 -0.13 11.17
N LEU A 231 3.38 -1.41 11.15
CA LEU A 231 2.70 -2.01 10.01
C LEU A 231 1.63 -2.96 10.55
N ARG A 232 0.43 -2.87 10.01
CA ARG A 232 -0.62 -3.82 10.33
C ARG A 232 -0.87 -4.69 9.10
N ARG A 233 -1.01 -5.99 9.34
CA ARG A 233 -1.32 -6.95 8.28
C ARG A 233 -2.66 -7.57 8.61
N HIS A 234 -3.61 -7.47 7.71
CA HIS A 234 -4.90 -8.08 7.92
C HIS A 234 -4.91 -9.49 7.32
N LEU A 235 -5.51 -10.45 8.00
CA LEU A 235 -5.57 -11.86 7.54
C LEU A 235 -6.93 -12.50 7.76
N PRO A 236 -7.26 -13.55 7.01
CA PRO A 236 -8.58 -14.15 7.13
C PRO A 236 -8.71 -14.96 8.39
N GLY A 237 -9.94 -15.24 8.80
CA GLY A 237 -10.19 -16.12 9.95
C GLY A 237 -10.45 -15.41 11.28
N ASN A 238 -10.74 -16.23 12.28
CA ASN A 238 -11.25 -15.77 13.57
C ASN A 238 -10.13 -15.43 14.54
N HIS A 239 -10.42 -15.34 15.82
CA HIS A 239 -9.49 -14.94 16.87
C HIS A 239 -8.31 -15.88 17.06
N PHE A 240 -8.54 -17.13 16.76
CA PHE A 240 -7.55 -18.17 16.96
C PHE A 240 -6.85 -18.62 15.72
N PHE A 241 -6.70 -17.69 14.80
CA PHE A 241 -6.10 -17.88 13.49
C PHE A 241 -4.70 -18.43 13.49
N LEU A 242 -4.00 -18.18 14.57
CA LEU A 242 -2.65 -18.68 14.83
C LEU A 242 -2.57 -20.22 14.72
N ASN A 243 -3.67 -20.90 15.00
CA ASN A 243 -3.65 -22.34 15.31
C ASN A 243 -3.39 -23.28 14.13
N GLY A 244 -4.01 -22.99 13.00
CA GLY A 244 -3.76 -23.77 11.80
C GLY A 244 -4.25 -23.09 10.55
N GLY A 245 -4.08 -23.78 9.44
CA GLY A 245 -4.71 -23.40 8.18
C GLY A 245 -3.99 -22.33 7.39
N PRO A 246 -4.66 -21.82 6.34
CA PRO A 246 -4.08 -20.78 5.50
C PRO A 246 -3.56 -19.59 6.30
N SER A 247 -4.33 -19.19 7.30
CA SER A 247 -4.04 -17.98 8.06
C SER A 247 -2.75 -18.11 8.88
N ARG A 248 -2.50 -19.30 9.43
CA ARG A 248 -1.24 -19.60 10.11
C ARG A 248 -0.02 -19.51 9.18
N ASP A 249 -0.16 -20.06 7.98
CA ASP A 249 0.91 -20.00 6.97
C ASP A 249 1.25 -18.56 6.62
N ARG A 250 0.20 -17.80 6.39
CA ARG A 250 0.32 -16.40 6.04
C ARG A 250 1.05 -15.65 7.18
N LEU A 251 0.64 -15.91 8.42
CA LEU A 251 1.30 -15.33 9.57
C LEU A 251 2.79 -15.69 9.64
N LEU A 252 3.12 -16.97 9.46
CA LEU A 252 4.53 -17.36 9.45
C LEU A 252 5.30 -16.65 8.32
N ALA A 253 4.75 -16.67 7.11
CA ALA A 253 5.41 -16.01 5.98
C ALA A 253 5.65 -14.52 6.26
N HIS A 254 4.64 -13.84 6.81
CA HIS A 254 4.78 -12.42 7.13
C HIS A 254 5.86 -12.21 8.16
N LEU A 255 5.89 -13.07 9.18
CA LEU A 255 6.96 -13.06 10.16
C LEU A 255 8.33 -13.24 9.51
N GLY A 256 8.37 -14.11 8.50
CA GLY A 256 9.62 -14.41 7.80
C GLY A 256 10.22 -13.16 7.18
N THR A 257 9.39 -12.38 6.51
CA THR A 257 9.89 -11.22 5.78
C THR A 257 10.56 -10.15 6.60
N GLU A 258 10.32 -10.12 7.91
CA GLU A 258 10.89 -9.07 8.79
C GLU A 258 12.00 -9.57 9.74
N LEU A 259 12.07 -10.88 9.95
CA LEU A 259 13.18 -11.46 10.70
C LEU A 259 14.43 -11.50 9.80
N SER B 9 -1.96 -3.08 -27.99
CA SER B 9 -1.50 -1.75 -28.50
C SER B 9 -0.30 -1.23 -27.71
N ALA B 10 0.72 -0.77 -28.42
CA ALA B 10 1.93 -0.23 -27.80
C ALA B 10 1.81 1.24 -27.37
N TRP B 11 0.94 1.97 -28.03
CA TRP B 11 0.71 3.36 -27.74
C TRP B 11 0.11 3.67 -26.39
N PHE B 12 -0.88 2.88 -25.99
CA PHE B 12 -1.65 3.15 -24.81
C PHE B 12 -1.75 2.00 -23.85
N PRO B 13 -0.65 1.67 -23.22
CA PRO B 13 -0.62 0.62 -22.23
C PRO B 13 -1.43 0.85 -20.97
N ARG B 14 -2.16 -0.13 -20.49
CA ARG B 14 -2.86 -0.03 -19.20
C ARG B 14 -1.90 0.47 -18.12
N PRO B 15 -2.35 1.43 -17.29
CA PRO B 15 -1.55 1.86 -16.15
C PRO B 15 -1.87 1.04 -14.89
N VAL B 16 -0.89 0.91 -14.01
CA VAL B 16 -1.02 0.09 -12.80
C VAL B 16 -1.35 0.96 -11.59
N GLU B 22 2.26 4.06 1.78
CA GLU B 22 2.02 4.13 3.22
C GLU B 22 1.74 5.59 3.64
N PRO B 23 0.74 5.80 4.51
CA PRO B 23 0.24 7.15 4.68
C PRO B 23 1.11 8.01 5.61
N PRO B 24 1.21 9.31 5.30
CA PRO B 24 2.05 10.26 6.03
C PRO B 24 1.76 10.36 7.51
N ASP B 25 2.80 10.62 8.29
CA ASP B 25 2.68 10.69 9.74
C ASP B 25 2.15 12.06 10.18
N PRO B 26 1.14 12.08 11.07
CA PRO B 26 0.53 13.35 11.42
C PRO B 26 1.51 14.37 12.03
N ALA B 27 2.47 13.88 12.79
CA ALA B 27 3.37 14.75 13.53
C ALA B 27 4.33 15.47 12.61
N ALA B 28 4.68 14.80 11.50
CA ALA B 28 5.82 15.16 10.68
C ALA B 28 5.50 15.51 9.22
N ALA B 29 4.24 15.41 8.83
CA ALA B 29 3.84 15.80 7.47
C ALA B 29 3.93 17.33 7.35
N PRO B 30 4.07 17.85 6.12
CA PRO B 30 4.12 19.30 5.98
C PRO B 30 2.78 20.00 6.32
N LEU B 31 1.65 19.30 6.14
CA LEU B 31 0.34 19.84 6.50
C LEU B 31 -0.53 18.76 7.16
N ARG B 32 -1.32 19.16 8.15
CA ARG B 32 -2.37 18.32 8.73
C ARG B 32 -3.76 18.90 8.45
N LEU B 33 -4.70 18.04 8.09
CA LEU B 33 -6.10 18.44 7.88
C LEU B 33 -6.95 17.77 8.95
N VAL B 34 -7.32 18.52 9.98
CA VAL B 34 -8.15 18.02 11.09
C VAL B 34 -9.64 18.11 10.70
N CYS B 35 -10.32 16.96 10.66
CA CYS B 35 -11.65 16.86 10.06
C CYS B 35 -12.71 16.53 11.09
N PHE B 36 -13.75 17.36 11.18
CA PHE B 36 -14.81 17.16 12.16
C PHE B 36 -16.10 16.61 11.51
N PRO B 37 -16.67 15.55 12.09
CA PRO B 37 -17.81 14.87 11.52
C PRO B 37 -19.10 15.66 11.69
N TYR B 38 -20.16 15.25 11.01
CA TYR B 38 -21.46 15.91 11.16
C TYR B 38 -22.25 15.34 12.35
N ALA B 39 -23.33 16.00 12.73
CA ALA B 39 -24.10 15.55 13.90
C ALA B 39 -24.48 14.10 13.69
N GLY B 40 -24.19 13.26 14.67
CA GLY B 40 -24.43 11.84 14.54
C GLY B 40 -23.36 11.07 13.80
N GLY B 41 -22.33 11.76 13.32
CA GLY B 41 -21.33 11.13 12.44
C GLY B 41 -20.04 10.68 13.11
N THR B 42 -19.28 9.84 12.41
CA THR B 42 -18.01 9.30 12.89
C THR B 42 -16.91 9.67 11.92
N VAL B 43 -15.70 9.20 12.20
CA VAL B 43 -14.59 9.38 11.30
C VAL B 43 -14.75 8.54 10.00
N SER B 44 -15.67 7.60 10.00
CA SER B 44 -16.01 6.88 8.77
C SER B 44 -16.41 7.78 7.58
N ALA B 45 -17.00 8.94 7.87
CA ALA B 45 -17.21 9.97 6.84
C ALA B 45 -15.98 10.27 6.01
N PHE B 46 -14.79 10.02 6.51
CA PHE B 46 -13.56 10.49 5.86
C PHE B 46 -12.70 9.34 5.36
N ARG B 47 -13.32 8.16 5.30
CA ARG B 47 -12.67 6.97 4.80
C ARG B 47 -12.29 7.26 3.36
N GLY B 48 -11.03 7.01 3.00
CA GLY B 48 -10.55 7.25 1.66
C GLY B 48 -10.11 8.66 1.30
N TRP B 49 -10.19 9.60 2.23
CA TRP B 49 -9.67 10.96 2.01
C TRP B 49 -8.14 11.03 1.93
N GLN B 50 -7.44 10.26 2.75
CA GLN B 50 -5.98 10.29 2.73
C GLN B 50 -5.44 9.92 1.35
N GLU B 51 -6.05 8.91 0.72
CA GLU B 51 -5.59 8.42 -0.58
C GLU B 51 -5.72 9.47 -1.67
N ARG B 52 -6.80 10.23 -1.62
CA ARG B 52 -7.15 11.11 -2.72
C ARG B 52 -6.55 12.51 -2.56
N LEU B 53 -6.16 12.88 -1.35
CA LEU B 53 -5.38 14.10 -1.12
C LEU B 53 -3.86 13.84 -1.18
N GLY B 54 -3.43 12.59 -1.09
CA GLY B 54 -2.03 12.26 -1.35
C GLY B 54 -1.14 12.37 -0.14
N ASP B 55 0.16 12.48 -0.38
CA ASP B 55 1.18 12.25 0.67
C ASP B 55 1.70 13.52 1.36
N GLU B 56 1.46 14.70 0.82
CA GLU B 56 1.88 15.95 1.49
C GLU B 56 0.97 16.40 2.65
N VAL B 57 -0.15 15.71 2.85
CA VAL B 57 -1.09 16.09 3.90
C VAL B 57 -1.60 14.87 4.67
N ALA B 58 -1.43 14.92 5.99
CA ALA B 58 -2.02 13.93 6.91
C ALA B 58 -3.44 14.31 7.25
N VAL B 59 -4.39 13.52 6.74
CA VAL B 59 -5.81 13.66 7.08
C VAL B 59 -6.05 13.14 8.49
N VAL B 60 -6.61 13.97 9.36
CA VAL B 60 -6.74 13.64 10.77
C VAL B 60 -8.19 13.81 11.28
N PRO B 61 -9.07 12.83 10.98
CA PRO B 61 -10.43 12.79 11.52
C PRO B 61 -10.47 12.80 13.03
N VAL B 62 -11.45 13.50 13.61
CA VAL B 62 -11.58 13.61 15.05
C VAL B 62 -12.73 12.71 15.53
N GLN B 63 -12.43 11.84 16.51
CA GLN B 63 -13.42 10.92 16.98
C GLN B 63 -13.94 11.46 18.31
N LEU B 64 -15.18 11.93 18.31
CA LEU B 64 -15.77 12.58 19.47
C LEU B 64 -16.26 11.53 20.47
N PRO B 65 -16.43 11.91 21.75
CA PRO B 65 -16.98 10.97 22.73
C PRO B 65 -18.32 10.40 22.31
N GLY B 66 -18.52 9.11 22.53
CA GLY B 66 -19.82 8.49 22.30
C GLY B 66 -19.97 7.75 21.00
N ARG B 67 -18.91 7.62 20.23
CA ARG B 67 -18.96 6.80 19.02
C ARG B 67 -17.67 6.02 18.78
N GLY B 68 -17.75 4.95 17.98
CA GLY B 68 -16.56 4.15 17.67
C GLY B 68 -16.03 3.42 18.90
N LEU B 69 -14.73 3.54 19.16
CA LEU B 69 -14.14 2.98 20.39
C LEU B 69 -14.51 3.78 21.66
N ARG B 70 -15.33 4.82 21.51
CA ARG B 70 -15.76 5.62 22.63
C ARG B 70 -17.24 5.47 22.92
N LEU B 71 -17.90 4.41 22.41
CA LEU B 71 -19.37 4.39 22.46
C LEU B 71 -19.94 4.40 23.87
N ARG B 72 -19.10 4.11 24.87
CA ARG B 72 -19.48 4.17 26.27
C ARG B 72 -19.29 5.54 26.92
N GLU B 73 -18.54 6.44 26.28
CA GLU B 73 -18.32 7.77 26.87
C GLU B 73 -19.52 8.62 26.56
N ARG B 74 -19.79 9.57 27.45
CA ARG B 74 -20.93 10.44 27.35
C ARG B 74 -20.66 11.53 26.33
N PRO B 75 -21.55 11.68 25.34
CA PRO B 75 -21.33 12.68 24.32
C PRO B 75 -21.61 14.09 24.80
N TYR B 76 -20.73 15.01 24.45
CA TYR B 76 -20.88 16.42 24.76
C TYR B 76 -22.12 16.99 24.07
N ASP B 77 -22.85 17.89 24.76
CA ASP B 77 -24.04 18.58 24.18
C ASP B 77 -23.98 20.11 24.28
N THR B 78 -22.78 20.65 24.46
CA THR B 78 -22.50 22.08 24.44
C THR B 78 -21.20 22.19 23.66
N MET B 79 -21.11 23.16 22.77
CA MET B 79 -19.97 23.26 21.86
C MET B 79 -18.68 23.75 22.59
N GLU B 80 -18.80 24.65 23.55
CA GLU B 80 -17.63 25.20 24.23
C GLU B 80 -16.76 24.16 25.00
N PRO B 81 -17.37 23.32 25.86
CA PRO B 81 -16.58 22.24 26.49
C PRO B 81 -15.99 21.24 25.48
N LEU B 82 -16.76 20.95 24.42
CA LEU B 82 -16.28 20.09 23.38
C LEU B 82 -15.04 20.67 22.68
N ALA B 83 -15.12 21.95 22.34
CA ALA B 83 -14.04 22.64 21.66
C ALA B 83 -12.77 22.68 22.51
N GLU B 84 -12.98 22.77 23.80
CA GLU B 84 -11.89 22.85 24.72
C GLU B 84 -11.19 21.48 24.78
N ALA B 85 -12.00 20.43 24.79
CA ALA B 85 -11.48 19.06 24.83
C ALA B 85 -10.67 18.74 23.59
N VAL B 86 -11.16 19.14 22.42
CA VAL B 86 -10.42 18.91 21.20
C VAL B 86 -9.07 19.66 21.21
N ALA B 87 -9.05 20.88 21.72
CA ALA B 87 -7.82 21.69 21.74
C ALA B 87 -6.74 21.08 22.63
N ASP B 88 -7.16 20.52 23.76
CA ASP B 88 -6.27 19.81 24.66
C ASP B 88 -5.58 18.68 23.94
N ALA B 89 -6.39 17.91 23.20
CA ALA B 89 -5.90 16.73 22.50
C ALA B 89 -4.94 17.14 21.37
N LEU B 90 -5.33 18.15 20.59
CA LEU B 90 -4.46 18.68 19.52
C LEU B 90 -3.08 19.13 20.04
N GLU B 91 -3.07 19.84 21.17
CA GLU B 91 -1.84 20.23 21.85
C GLU B 91 -1.03 19.00 22.27
N GLU B 92 -1.71 18.02 22.86
CA GLU B 92 -1.08 16.81 23.42
C GLU B 92 -0.40 15.98 22.32
N HIS B 93 -1.06 15.86 21.17
CA HIS B 93 -0.50 15.18 20.01
C HIS B 93 0.41 16.09 19.16
N ARG B 94 0.63 17.34 19.56
CA ARG B 94 1.53 18.27 18.84
C ARG B 94 1.08 18.61 17.43
N LEU B 95 -0.22 18.86 17.27
CA LEU B 95 -0.79 19.06 15.96
C LEU B 95 -1.14 20.53 15.70
N THR B 96 -0.84 21.40 16.67
CA THR B 96 -1.23 22.79 16.55
C THR B 96 -0.15 23.61 15.84
N HIS B 97 0.26 23.13 14.67
CA HIS B 97 1.14 23.88 13.78
C HIS B 97 0.89 23.41 12.34
N ASP B 98 0.92 24.36 11.42
CA ASP B 98 0.78 24.08 9.99
C ASP B 98 -0.37 23.12 9.74
N TYR B 99 -1.55 23.59 10.15
CA TYR B 99 -2.75 22.76 10.17
C TYR B 99 -3.90 23.48 9.51
N ALA B 100 -4.76 22.72 8.86
CA ALA B 100 -6.02 23.21 8.31
C ALA B 100 -7.15 22.48 9.04
N LEU B 101 -8.37 23.06 8.99
CA LEU B 101 -9.55 22.48 9.67
C LEU B 101 -10.68 22.29 8.68
N PHE B 102 -11.37 21.16 8.78
CA PHE B 102 -12.56 20.88 7.94
C PHE B 102 -13.68 20.45 8.84
N GLY B 103 -14.91 20.82 8.50
CA GLY B 103 -16.07 20.35 9.26
C GLY B 103 -17.32 20.35 8.40
N HIS B 104 -18.09 19.30 8.47
CA HIS B 104 -19.34 19.26 7.73
C HIS B 104 -20.49 19.51 8.67
N SER B 105 -21.34 20.46 8.33
CA SER B 105 -22.57 20.72 9.07
C SER B 105 -22.19 21.07 10.51
N MET B 106 -22.70 20.33 11.49
CA MET B 106 -22.32 20.57 12.91
C MET B 106 -20.80 20.70 13.09
N GLY B 107 -20.06 19.84 12.40
CA GLY B 107 -18.60 19.86 12.39
C GLY B 107 -17.98 21.19 12.04
N ALA B 108 -18.51 21.84 11.02
CA ALA B 108 -18.14 23.22 10.69
C ALA B 108 -18.20 24.16 11.91
N LEU B 109 -19.30 24.14 12.63
CA LEU B 109 -19.42 25.00 13.81
C LEU B 109 -18.32 24.66 14.84
N LEU B 110 -18.06 23.36 15.02
CA LEU B 110 -17.06 22.94 15.98
C LEU B 110 -15.68 23.33 15.53
N ALA B 111 -15.43 23.18 14.22
CA ALA B 111 -14.20 23.62 13.60
C ALA B 111 -13.95 25.06 13.91
N TYR B 112 -15.00 25.89 13.80
CA TYR B 112 -14.89 27.31 14.08
C TYR B 112 -14.57 27.56 15.55
N GLU B 113 -15.35 26.96 16.45
CA GLU B 113 -15.09 27.05 17.89
C GLU B 113 -13.67 26.63 18.28
N VAL B 114 -13.19 25.53 17.74
CA VAL B 114 -11.85 25.05 18.04
C VAL B 114 -10.81 26.08 17.55
N ALA B 115 -11.06 26.66 16.39
CA ALA B 115 -10.17 27.67 15.84
C ALA B 115 -10.07 28.86 16.79
N CYS B 116 -11.22 29.32 17.29
CA CYS B 116 -11.28 30.41 18.28
C CYS B 116 -10.61 30.03 19.62
N VAL B 117 -10.82 28.79 20.04
CA VAL B 117 -10.20 28.35 21.28
C VAL B 117 -8.70 28.22 21.13
N LEU B 118 -8.25 27.67 20.01
CA LEU B 118 -6.83 27.53 19.73
C LEU B 118 -6.17 28.90 19.69
N ARG B 119 -6.82 29.87 19.05
CA ARG B 119 -6.30 31.24 19.01
C ARG B 119 -6.15 31.77 20.43
N ARG B 120 -7.15 31.54 21.27
CA ARG B 120 -7.13 32.06 22.63
C ARG B 120 -5.96 31.45 23.43
N ARG B 121 -5.48 30.29 23.04
CA ARG B 121 -4.31 29.69 23.72
C ARG B 121 -2.92 30.05 23.19
N GLY B 122 -2.85 30.69 22.02
CA GLY B 122 -1.55 31.06 21.42
C GLY B 122 -1.17 30.20 20.23
N ALA B 123 -2.01 29.24 19.87
CA ALA B 123 -1.71 28.45 18.69
C ALA B 123 -1.56 29.39 17.51
N PRO B 124 -0.61 29.11 16.62
CA PRO B 124 -0.65 29.80 15.35
C PRO B 124 -1.96 29.55 14.63
N ARG B 125 -2.30 30.46 13.73
CA ARG B 125 -3.56 30.43 13.01
C ARG B 125 -3.60 29.27 12.03
N PRO B 126 -4.80 28.76 11.72
CA PRO B 126 -4.95 27.73 10.70
C PRO B 126 -4.42 28.18 9.36
N ARG B 127 -3.83 27.27 8.58
CA ARG B 127 -3.45 27.59 7.19
C ARG B 127 -4.70 27.88 6.38
N HIS B 128 -5.81 27.24 6.74
CA HIS B 128 -7.08 27.40 6.02
C HIS B 128 -8.26 26.81 6.85
N LEU B 129 -9.42 27.42 6.82
CA LEU B 129 -10.60 26.85 7.44
C LEU B 129 -11.61 26.43 6.36
N PHE B 130 -11.99 25.17 6.32
CA PHE B 130 -12.97 24.72 5.34
C PHE B 130 -14.25 24.41 6.07
N VAL B 131 -15.38 25.00 5.66
CA VAL B 131 -16.68 24.68 6.26
C VAL B 131 -17.63 24.21 5.19
N SER B 132 -18.31 23.09 5.45
CA SER B 132 -19.14 22.47 4.45
C SER B 132 -20.54 22.22 5.03
N GLY B 133 -21.55 22.42 4.18
CA GLY B 133 -22.96 22.15 4.48
C GLY B 133 -23.51 22.73 5.76
N SER B 134 -23.04 23.93 6.12
CA SER B 134 -23.41 24.58 7.37
C SER B 134 -23.70 26.05 7.21
N ARG B 135 -24.73 26.49 7.93
CA ARG B 135 -24.95 27.91 8.11
C ARG B 135 -23.85 28.56 8.97
N ALA B 136 -23.83 29.88 8.94
CA ALA B 136 -22.87 30.64 9.72
C ALA B 136 -23.21 30.44 11.19
N PRO B 137 -22.23 30.59 12.09
CA PRO B 137 -22.41 30.41 13.53
C PRO B 137 -23.65 31.11 14.09
N HIS B 138 -23.78 32.42 13.80
CA HIS B 138 -24.87 33.21 14.38
C HIS B 138 -26.24 32.79 13.88
N LEU B 139 -26.32 32.08 12.77
CA LEU B 139 -27.59 31.58 12.29
C LEU B 139 -27.97 30.26 12.98
N TYR B 140 -27.10 29.75 13.83
CA TYR B 140 -27.50 28.66 14.74
C TYR B 140 -28.20 29.26 15.97
N GLY B 141 -28.83 28.39 16.74
CA GLY B 141 -29.52 28.80 17.97
C GLY B 141 -31.03 28.73 17.86
N ASP B 142 -31.55 28.58 16.65
CA ASP B 142 -32.99 28.52 16.42
C ASP B 142 -33.63 27.42 17.24
N ARG B 143 -34.81 27.70 17.78
CA ARG B 143 -35.56 26.71 18.55
C ARG B 143 -35.96 25.57 17.62
N ALA B 144 -35.38 24.40 17.87
CA ALA B 144 -35.67 23.19 17.11
C ALA B 144 -36.69 22.36 17.87
N ASP B 145 -37.16 21.31 17.21
CA ASP B 145 -38.05 20.34 17.81
C ASP B 145 -37.18 19.20 18.37
N HIS B 146 -37.00 19.18 19.69
CA HIS B 146 -36.26 18.11 20.40
C HIS B 146 -37.18 16.93 20.82
N THR B 147 -38.37 16.86 20.28
CA THR B 147 -39.33 15.82 20.66
C THR B 147 -39.63 14.84 19.53
N LEU B 148 -38.85 14.84 18.45
CA LEU B 148 -39.08 13.88 17.38
C LEU B 148 -38.82 12.48 17.88
N SER B 149 -39.71 11.55 17.56
CA SER B 149 -39.52 10.16 17.92
C SER B 149 -38.40 9.58 17.09
N ASP B 150 -37.88 8.43 17.50
CA ASP B 150 -36.85 7.73 16.71
C ASP B 150 -37.28 7.56 15.25
N THR B 151 -38.48 7.07 15.03
CA THR B 151 -39.02 6.89 13.67
C THR B 151 -39.09 8.19 12.86
N ALA B 152 -39.45 9.28 13.50
CA ALA B 152 -39.58 10.57 12.79
C ALA B 152 -38.21 11.19 12.53
N LEU B 153 -37.32 11.10 13.53
CA LEU B 153 -35.99 11.65 13.38
C LEU B 153 -35.26 10.92 12.26
N ARG B 154 -35.37 9.60 12.24
CA ARG B 154 -34.76 8.81 11.20
C ARG B 154 -35.33 9.15 9.80
N GLU B 155 -36.62 9.43 9.72
CA GLU B 155 -37.22 9.91 8.48
C GLU B 155 -36.61 11.25 8.05
N VAL B 156 -36.30 12.13 9.00
CA VAL B 156 -35.64 13.40 8.66
C VAL B 156 -34.24 13.17 8.09
N ILE B 157 -33.45 12.35 8.77
CA ILE B 157 -32.10 12.00 8.32
C ILE B 157 -32.11 11.45 6.90
N ARG B 158 -33.02 10.51 6.69
CA ARG B 158 -33.15 9.79 5.44
C ARG B 158 -33.57 10.74 4.32
N ASP B 159 -34.52 11.63 4.60
CA ASP B 159 -34.94 12.58 3.56
C ASP B 159 -33.87 13.62 3.20
N LEU B 160 -32.91 13.85 4.09
CA LEU B 160 -31.77 14.72 3.77
C LEU B 160 -30.69 13.95 3.03
N GLY B 161 -30.80 12.62 3.00
CA GLY B 161 -29.90 11.75 2.23
C GLY B 161 -28.85 10.99 3.04
N GLY B 162 -29.06 10.89 4.35
CA GLY B 162 -28.07 10.33 5.27
C GLY B 162 -28.09 8.81 5.37
N LEU B 163 -27.10 8.26 6.05
CA LEU B 163 -26.99 6.84 6.29
C LEU B 163 -27.94 6.35 7.35
N ASP B 164 -28.62 5.26 7.09
CA ASP B 164 -29.62 4.76 8.02
C ASP B 164 -29.65 3.25 8.25
N ASP B 165 -28.53 2.55 8.20
CA ASP B 165 -28.61 1.13 8.46
C ASP B 165 -27.45 0.62 9.28
N ALA B 166 -27.65 -0.50 9.95
CA ALA B 166 -26.66 -1.04 10.89
C ALA B 166 -25.40 -1.62 10.27
N ASP B 167 -25.30 -1.78 8.96
CA ASP B 167 -24.00 -2.22 8.42
C ASP B 167 -23.26 -1.18 7.59
N THR B 168 -23.87 -0.02 7.37
CA THR B 168 -23.14 1.17 6.96
C THR B 168 -22.58 1.88 8.19
N LEU B 169 -23.22 1.68 9.35
CA LEU B 169 -22.79 2.32 10.60
C LEU B 169 -22.17 1.36 11.61
N GLY B 170 -22.44 0.06 11.47
CA GLY B 170 -22.05 -0.94 12.47
C GLY B 170 -23.20 -1.14 13.45
N ALA B 171 -23.36 -2.37 13.94
CA ALA B 171 -24.50 -2.74 14.81
C ALA B 171 -24.43 -2.06 16.17
N ALA B 172 -23.23 -2.02 16.75
CA ALA B 172 -23.03 -1.43 18.07
C ALA B 172 -23.34 0.07 18.04
N TYR B 173 -22.86 0.76 17.01
CA TYR B 173 -23.07 2.20 16.90
C TYR B 173 -24.50 2.57 16.46
N PHE B 174 -25.11 1.75 15.61
CA PHE B 174 -26.50 2.02 15.18
C PHE B 174 -27.43 2.24 16.38
N ASP B 175 -27.37 1.36 17.37
CA ASP B 175 -28.31 1.40 18.50
C ASP B 175 -28.11 2.65 19.34
N ARG B 176 -26.90 3.16 19.28
CA ARG B 176 -26.48 4.26 20.09
C ARG B 176 -26.52 5.58 19.30
N ARG B 177 -26.54 5.49 17.96
CA ARG B 177 -26.46 6.67 17.08
C ARG B 177 -27.47 7.76 17.43
N LEU B 178 -28.71 7.37 17.74
CA LEU B 178 -29.78 8.36 17.92
C LEU B 178 -29.58 9.16 19.18
N PRO B 179 -29.27 8.51 20.32
CA PRO B 179 -28.89 9.33 21.49
C PRO B 179 -27.70 10.27 21.20
N VAL B 180 -26.74 9.82 20.41
CA VAL B 180 -25.57 10.64 20.08
C VAL B 180 -25.94 11.80 19.14
N LEU B 181 -26.81 11.53 18.16
CA LEU B 181 -27.26 12.59 17.26
C LEU B 181 -28.00 13.65 18.05
N ARG B 182 -28.85 13.21 18.96
CA ARG B 182 -29.65 14.14 19.73
C ARG B 182 -28.76 15.03 20.60
N ALA B 183 -27.64 14.52 21.11
CA ALA B 183 -26.72 15.33 21.90
C ALA B 183 -26.01 16.32 21.00
N ASP B 184 -25.55 15.84 19.86
CA ASP B 184 -24.91 16.71 18.86
C ASP B 184 -25.86 17.87 18.49
N LEU B 185 -27.12 17.53 18.23
CA LEU B 185 -28.12 18.53 17.85
C LEU B 185 -28.40 19.51 18.97
N ARG B 186 -28.44 19.04 20.20
CA ARG B 186 -28.62 19.95 21.34
C ARG B 186 -27.47 20.96 21.45
N ALA B 187 -26.24 20.59 21.11
CA ALA B 187 -25.14 21.55 21.07
C ALA B 187 -25.39 22.67 20.08
N CYS B 188 -25.95 22.30 18.93
CA CYS B 188 -26.29 23.27 17.90
C CYS B 188 -27.40 24.18 18.38
N GLU B 189 -28.49 23.62 18.93
CA GLU B 189 -29.62 24.45 19.41
C GLU B 189 -29.21 25.41 20.50
N ARG B 190 -28.33 24.95 21.38
CA ARG B 190 -27.91 25.75 22.52
C ARG B 190 -26.96 26.85 22.11
N TYR B 191 -26.35 26.72 20.92
CA TYR B 191 -25.33 27.66 20.50
C TYR B 191 -25.93 29.05 20.29
N ASP B 192 -25.21 30.05 20.78
CA ASP B 192 -25.70 31.41 20.78
C ASP B 192 -24.48 32.32 20.61
N TRP B 193 -24.17 32.62 19.36
CA TRP B 193 -22.94 33.31 19.05
C TRP B 193 -22.93 34.70 19.68
N HIS B 194 -21.78 35.09 20.20
CA HIS B 194 -21.59 36.43 20.74
C HIS B 194 -20.42 37.07 19.97
N PRO B 195 -20.46 38.39 19.76
CA PRO B 195 -19.39 39.04 18.99
C PRO B 195 -17.97 38.64 19.44
N ARG B 196 -17.17 38.15 18.49
CA ARG B 196 -15.79 37.84 18.75
C ARG B 196 -14.96 38.55 17.71
N PRO B 197 -13.65 38.68 17.93
CA PRO B 197 -12.83 39.20 16.84
C PRO B 197 -12.77 38.18 15.71
N PRO B 198 -12.90 38.65 14.45
CA PRO B 198 -12.84 37.70 13.34
C PRO B 198 -11.49 37.03 13.23
N LEU B 199 -11.50 35.87 12.59
CA LEU B 199 -10.28 35.11 12.31
C LEU B 199 -9.41 35.81 11.24
N ASP B 200 -8.16 35.37 11.12
CA ASP B 200 -7.14 35.91 10.20
C ASP B 200 -6.90 34.97 8.99
N CYS B 201 -7.64 33.87 8.91
CA CYS B 201 -7.21 32.78 8.06
C CYS B 201 -8.15 32.59 6.90
N PRO B 202 -7.63 32.21 5.74
CA PRO B 202 -8.53 32.17 4.60
C PRO B 202 -9.56 31.04 4.71
N THR B 203 -10.77 31.29 4.22
CA THR B 203 -11.86 30.37 4.44
C THR B 203 -12.50 29.93 3.13
N THR B 204 -12.97 28.68 3.05
CA THR B 204 -13.76 28.26 1.90
C THR B 204 -14.99 27.52 2.37
N ALA B 205 -16.16 27.99 1.95
CA ALA B 205 -17.40 27.39 2.37
C ALA B 205 -17.97 26.58 1.22
N PHE B 206 -18.58 25.44 1.52
CA PHE B 206 -19.20 24.63 0.48
C PHE B 206 -20.68 24.57 0.76
N SER B 207 -21.47 24.92 -0.25
CA SER B 207 -22.91 24.81 -0.21
C SER B 207 -23.32 23.75 -1.21
N ALA B 208 -24.43 23.07 -0.93
CA ALA B 208 -24.94 22.00 -1.80
C ALA B 208 -26.24 22.45 -2.39
N ALA B 209 -26.47 22.12 -3.65
CA ALA B 209 -27.60 22.68 -4.41
C ALA B 209 -28.96 22.27 -3.88
N ALA B 210 -29.10 21.04 -3.40
CA ALA B 210 -30.40 20.51 -3.00
C ALA B 210 -30.49 20.30 -1.46
N ASP B 211 -29.88 21.23 -0.72
CA ASP B 211 -29.66 21.08 0.72
C ASP B 211 -30.42 22.15 1.45
N PRO B 212 -31.63 21.80 1.97
CA PRO B 212 -32.50 22.78 2.60
C PRO B 212 -32.00 23.25 3.97
N ILE B 213 -31.09 22.49 4.58
CA ILE B 213 -30.56 22.80 5.92
C ILE B 213 -29.48 23.86 5.93
N ALA B 214 -28.77 24.01 4.82
CA ALA B 214 -27.75 25.06 4.66
C ALA B 214 -27.77 25.56 3.22
N THR B 215 -28.48 26.66 3.02
CA THR B 215 -28.71 27.27 1.71
C THR B 215 -27.62 28.31 1.37
N PRO B 216 -27.44 28.61 0.07
CA PRO B 216 -26.38 29.51 -0.36
C PRO B 216 -26.23 30.76 0.48
N GLU B 217 -27.34 31.39 0.84
CA GLU B 217 -27.38 32.55 1.75
C GLU B 217 -26.83 32.24 3.13
N MET B 218 -27.27 31.13 3.71
CA MET B 218 -26.82 30.71 5.04
C MET B 218 -25.30 30.47 5.05
N VAL B 219 -24.81 29.87 3.96
CA VAL B 219 -23.39 29.57 3.81
C VAL B 219 -22.57 30.82 3.45
N GLU B 220 -23.12 31.70 2.62
CA GLU B 220 -22.41 32.92 2.25
C GLU B 220 -22.20 33.71 3.50
N ALA B 221 -23.18 33.63 4.40
CA ALA B 221 -23.13 34.27 5.70
C ALA B 221 -21.78 34.11 6.44
N TRP B 222 -20.98 33.08 6.14
CA TRP B 222 -19.68 32.93 6.81
C TRP B 222 -18.64 34.00 6.45
N ARG B 223 -18.89 34.78 5.41
CA ARG B 223 -17.86 35.70 4.87
C ARG B 223 -17.23 36.67 5.86
N PRO B 224 -18.05 37.34 6.70
CA PRO B 224 -17.46 38.26 7.69
C PRO B 224 -16.76 37.61 8.91
N TYR B 225 -16.69 36.28 8.98
CA TYR B 225 -16.06 35.63 10.14
C TYR B 225 -14.53 35.59 10.07
N THR B 226 -13.98 36.01 8.93
CA THR B 226 -12.54 36.11 8.77
C THR B 226 -12.19 37.42 8.05
N THR B 227 -11.01 37.97 8.35
CA THR B 227 -10.51 39.07 7.58
C THR B 227 -9.64 38.54 6.46
N GLY B 228 -9.52 37.23 6.38
CA GLY B 228 -8.76 36.61 5.31
C GLY B 228 -9.61 36.60 4.06
N SER B 229 -9.12 35.90 3.04
CA SER B 229 -9.88 35.72 1.84
C SER B 229 -10.98 34.65 2.05
N PHE B 230 -12.13 34.89 1.43
CA PHE B 230 -13.26 33.98 1.50
C PHE B 230 -13.66 33.51 0.11
N LEU B 231 -14.23 32.32 0.03
CA LEU B 231 -14.62 31.74 -1.24
C LEU B 231 -15.70 30.69 -1.03
N ARG B 232 -16.83 30.80 -1.72
CA ARG B 232 -17.88 29.78 -1.61
C ARG B 232 -17.93 28.89 -2.85
N ARG B 233 -17.89 27.57 -2.68
CA ARG B 233 -18.07 26.67 -3.81
C ARG B 233 -19.44 26.06 -3.77
N HIS B 234 -20.22 26.22 -4.83
CA HIS B 234 -21.55 25.62 -4.91
C HIS B 234 -21.47 24.30 -5.69
N LEU B 235 -21.85 23.20 -5.06
CA LEU B 235 -21.76 21.88 -5.66
C LEU B 235 -23.14 21.25 -5.81
N PRO B 236 -23.29 20.27 -6.73
CA PRO B 236 -24.55 19.53 -6.83
C PRO B 236 -24.72 18.57 -5.67
N GLY B 237 -25.95 18.23 -5.37
CA GLY B 237 -26.24 17.29 -4.34
C GLY B 237 -26.89 17.79 -3.10
N ASN B 238 -27.09 16.88 -2.19
CA ASN B 238 -27.74 17.12 -0.93
C ASN B 238 -26.86 17.40 0.28
N HIS B 239 -27.46 17.41 1.44
CA HIS B 239 -26.79 17.71 2.66
C HIS B 239 -25.67 16.77 2.97
N PHE B 240 -25.85 15.51 2.70
CA PHE B 240 -24.83 14.52 2.91
C PHE B 240 -23.94 14.29 1.71
N PHE B 241 -23.78 15.28 0.88
CA PHE B 241 -23.06 15.14 -0.36
C PHE B 241 -21.71 14.55 -0.29
N LEU B 242 -21.07 14.77 0.83
CA LEU B 242 -19.72 14.25 1.07
C LEU B 242 -19.66 12.75 1.34
N ASN B 243 -20.80 12.10 1.55
CA ASN B 243 -20.81 10.68 1.91
C ASN B 243 -20.50 9.77 0.71
N GLY B 244 -20.62 10.30 -0.51
CA GLY B 244 -20.24 9.55 -1.71
C GLY B 244 -20.69 10.20 -3.01
N GLY B 245 -20.26 9.64 -4.13
CA GLY B 245 -20.68 10.11 -5.46
C GLY B 245 -19.76 11.19 -6.02
N PRO B 246 -20.20 11.86 -7.11
CA PRO B 246 -19.38 12.89 -7.76
C PRO B 246 -19.32 14.18 -6.96
N SER B 247 -20.30 14.35 -6.10
CA SER B 247 -20.29 15.37 -5.06
C SER B 247 -19.02 15.29 -4.21
N ARG B 248 -18.76 14.10 -3.66
CA ARG B 248 -17.59 13.86 -2.84
C ARG B 248 -16.29 14.10 -3.62
N ASP B 249 -16.19 13.52 -4.81
CA ASP B 249 -14.98 13.71 -5.65
C ASP B 249 -14.71 15.21 -5.84
N ARG B 250 -15.77 15.94 -6.22
CA ARG B 250 -15.68 17.38 -6.41
C ARG B 250 -15.13 18.13 -5.21
N LEU B 251 -15.67 17.84 -4.02
CA LEU B 251 -15.19 18.43 -2.76
C LEU B 251 -13.71 18.18 -2.49
N LEU B 252 -13.26 16.93 -2.62
CA LEU B 252 -11.83 16.58 -2.42
C LEU B 252 -10.92 17.29 -3.42
N ALA B 253 -11.38 17.42 -4.65
CA ALA B 253 -10.63 18.16 -5.65
C ALA B 253 -10.48 19.60 -5.21
N HIS B 254 -11.60 20.25 -4.92
CA HIS B 254 -11.61 21.65 -4.50
C HIS B 254 -10.80 21.81 -3.25
N LEU B 255 -10.85 20.81 -2.37
CA LEU B 255 -10.03 20.84 -1.16
C LEU B 255 -8.56 20.81 -1.54
N GLY B 256 -8.21 19.90 -2.44
CA GLY B 256 -6.83 19.74 -2.85
C GLY B 256 -6.26 21.02 -3.47
N THR B 257 -7.09 21.75 -4.19
CA THR B 257 -6.59 22.91 -4.90
C THR B 257 -6.09 23.99 -3.96
N GLU B 258 -6.46 23.92 -2.68
CA GLU B 258 -6.12 24.97 -1.71
C GLU B 258 -5.26 24.51 -0.53
N LEU B 259 -4.97 23.23 -0.44
CA LEU B 259 -4.12 22.72 0.64
C LEU B 259 -2.67 23.10 0.44
N LEU C 4 3.10 11.60 24.83
CA LEU C 4 3.11 11.65 26.32
C LEU C 4 2.03 10.64 26.85
N LEU C 5 0.89 11.15 27.29
CA LEU C 5 -0.29 10.33 27.51
C LEU C 5 -1.03 10.09 26.18
N SER C 6 -0.42 10.49 25.07
CA SER C 6 -1.05 10.37 23.77
C SER C 6 -1.26 8.94 23.31
N GLN C 7 -0.53 7.99 23.89
CA GLN C 7 -0.68 6.59 23.50
C GLN C 7 -2.08 6.09 23.86
N ARG C 8 -2.65 6.60 24.96
CA ARG C 8 -4.01 6.20 25.38
C ARG C 8 -5.17 7.10 24.86
N SER C 9 -4.86 8.04 23.97
CA SER C 9 -5.82 9.01 23.43
C SER C 9 -6.73 8.41 22.34
N ALA C 10 -8.04 8.53 22.52
CA ALA C 10 -9.04 8.02 21.56
C ALA C 10 -9.43 9.06 20.49
N TRP C 11 -8.84 10.25 20.54
CA TRP C 11 -9.30 11.36 19.70
C TRP C 11 -8.94 11.27 18.21
N PHE C 12 -7.79 10.70 17.89
CA PHE C 12 -7.26 10.77 16.52
C PHE C 12 -6.88 9.40 15.97
N PRO C 13 -7.85 8.59 15.70
CA PRO C 13 -7.57 7.30 15.10
C PRO C 13 -7.15 7.45 13.67
N ARG C 14 -6.19 6.69 13.21
CA ARG C 14 -5.77 6.76 11.84
C ARG C 14 -6.87 6.30 10.96
N PRO C 15 -7.04 6.96 9.84
CA PRO C 15 -8.05 6.56 8.91
C PRO C 15 -7.67 5.22 8.41
N VAL C 16 -8.66 4.39 8.26
CA VAL C 16 -8.46 3.08 7.69
C VAL C 16 -8.34 3.23 6.18
N ALA C 17 -7.39 2.50 5.61
CA ALA C 17 -7.14 2.52 4.19
C ALA C 17 -8.26 1.74 3.52
N ALA C 18 -9.17 2.45 2.85
CA ALA C 18 -10.11 1.82 1.95
C ALA C 18 -9.46 1.96 0.57
N PRO C 19 -9.22 0.83 -0.13
CA PRO C 19 -8.75 0.85 -1.53
C PRO C 19 -9.88 0.58 -2.53
N ALA C 21 -9.89 -0.64 -5.34
CA ALA C 21 -9.63 0.35 -6.40
C ALA C 21 -9.59 -0.33 -7.79
N GLU C 22 -10.77 -0.49 -8.38
CA GLU C 22 -10.90 -1.11 -9.70
C GLU C 22 -10.82 -0.03 -10.80
N PRO C 23 -9.84 -0.14 -11.72
CA PRO C 23 -9.80 0.77 -12.87
C PRO C 23 -10.99 0.57 -13.83
N PRO C 24 -11.56 1.67 -14.36
CA PRO C 24 -12.63 1.53 -15.34
C PRO C 24 -12.09 1.39 -16.76
N ASP C 25 -12.74 0.53 -17.55
CA ASP C 25 -12.37 0.30 -18.95
C ASP C 25 -12.34 1.63 -19.69
N PRO C 26 -11.19 1.98 -20.31
CA PRO C 26 -11.18 3.23 -21.07
C PRO C 26 -12.04 3.16 -22.32
N ALA C 27 -12.30 1.95 -22.82
CA ALA C 27 -13.20 1.77 -23.95
C ALA C 27 -14.66 2.06 -23.59
N ALA C 28 -15.06 1.81 -22.34
CA ALA C 28 -16.46 2.01 -21.91
C ALA C 28 -16.61 2.89 -20.68
N ALA C 29 -15.62 3.75 -20.40
CA ALA C 29 -15.71 4.73 -19.30
C ALA C 29 -16.41 6.00 -19.78
N PRO C 30 -17.05 6.75 -18.86
CA PRO C 30 -17.80 7.95 -19.25
C PRO C 30 -16.91 8.95 -19.98
N LEU C 31 -15.75 9.22 -19.39
CA LEU C 31 -14.74 10.09 -20.00
C LEU C 31 -13.39 9.38 -19.96
N ARG C 32 -12.58 9.61 -20.99
CA ARG C 32 -11.23 9.07 -21.08
C ARG C 32 -10.25 10.24 -21.15
N LEU C 33 -9.25 10.23 -20.27
CA LEU C 33 -8.26 11.31 -20.24
C LEU C 33 -6.95 10.88 -20.91
N VAL C 34 -6.72 11.38 -22.12
CA VAL C 34 -5.51 11.08 -22.89
C VAL C 34 -4.38 12.01 -22.45
N CYS C 35 -3.27 11.45 -21.98
CA CYS C 35 -2.18 12.23 -21.39
C CYS C 35 -0.82 12.07 -22.08
N PHE C 36 -0.25 13.21 -22.49
CA PHE C 36 1.03 13.27 -23.18
C PHE C 36 2.10 13.75 -22.23
N PRO C 37 3.23 13.03 -22.15
CA PRO C 37 4.33 13.42 -21.26
C PRO C 37 5.25 14.53 -21.80
N TYR C 38 6.19 14.92 -20.94
CA TYR C 38 7.21 15.94 -21.23
C TYR C 38 8.37 15.39 -22.05
N ALA C 39 9.26 16.28 -22.50
CA ALA C 39 10.44 15.89 -23.25
C ALA C 39 11.23 14.80 -22.51
N GLY C 40 11.47 13.68 -23.19
CA GLY C 40 12.15 12.52 -22.59
C GLY C 40 11.32 11.64 -21.66
N GLY C 41 10.04 11.98 -21.50
CA GLY C 41 9.20 11.33 -20.50
C GLY C 41 8.50 10.07 -20.97
N THR C 42 7.97 9.31 -20.02
CA THR C 42 7.24 8.09 -20.30
C THR C 42 5.93 8.04 -19.53
N VAL C 43 5.11 7.05 -19.84
CA VAL C 43 3.80 6.88 -19.23
C VAL C 43 3.76 6.78 -17.70
N SER C 44 4.90 6.59 -17.06
CA SER C 44 4.95 6.55 -15.60
C SER C 44 5.36 7.91 -15.03
N ALA C 45 5.11 8.98 -15.79
CA ALA C 45 4.95 10.31 -15.20
C ALA C 45 3.51 10.39 -14.65
N PHE C 46 2.61 9.56 -15.18
CA PHE C 46 1.20 9.51 -14.78
C PHE C 46 0.86 8.30 -13.91
N ARG C 47 1.86 7.74 -13.24
CA ARG C 47 1.61 6.70 -12.24
C ARG C 47 0.92 7.37 -11.07
N GLY C 48 -0.14 6.73 -10.61
CA GLY C 48 -0.94 7.24 -9.49
C GLY C 48 -2.16 8.04 -9.91
N TRP C 49 -2.16 8.53 -11.14
CA TRP C 49 -3.22 9.40 -11.61
C TRP C 49 -4.58 8.72 -11.54
N GLN C 50 -4.72 7.56 -12.15
CA GLN C 50 -6.00 6.86 -12.22
C GLN C 50 -6.71 6.70 -10.87
N GLU C 51 -5.92 6.55 -9.80
CA GLU C 51 -6.45 6.41 -8.43
C GLU C 51 -6.82 7.77 -7.85
N ARG C 52 -6.01 8.78 -8.10
CA ARG C 52 -6.24 10.12 -7.55
C ARG C 52 -7.41 10.83 -8.22
N LEU C 53 -7.85 10.32 -9.38
CA LEU C 53 -8.88 10.99 -10.16
C LEU C 53 -10.22 10.22 -10.15
N GLY C 54 -10.31 9.18 -9.32
CA GLY C 54 -11.57 8.46 -9.14
C GLY C 54 -11.89 7.50 -10.28
N ASP C 55 -13.08 6.91 -10.21
CA ASP C 55 -13.55 5.95 -11.21
C ASP C 55 -14.40 6.62 -12.31
N GLU C 56 -14.56 7.95 -12.22
CA GLU C 56 -15.42 8.69 -13.15
C GLU C 56 -14.72 8.84 -14.50
N VAL C 57 -13.39 9.00 -14.44
CA VAL C 57 -12.55 9.13 -15.62
C VAL C 57 -11.60 7.94 -15.77
N ALA C 58 -11.25 7.62 -17.02
CA ALA C 58 -10.29 6.57 -17.33
C ALA C 58 -9.03 7.23 -17.86
N VAL C 59 -7.91 7.04 -17.17
CA VAL C 59 -6.63 7.64 -17.57
C VAL C 59 -5.92 6.78 -18.64
N VAL C 60 -5.55 7.43 -19.75
CA VAL C 60 -4.97 6.76 -20.90
C VAL C 60 -3.66 7.45 -21.30
N PRO C 61 -2.57 7.20 -20.54
CA PRO C 61 -1.27 7.75 -20.92
C PRO C 61 -0.79 7.25 -22.29
N VAL C 62 0.06 8.03 -22.93
CA VAL C 62 0.56 7.71 -24.24
C VAL C 62 2.08 7.56 -24.27
N GLN C 63 2.53 6.34 -24.53
CA GLN C 63 3.95 6.03 -24.66
C GLN C 63 4.38 6.33 -26.09
N LEU C 64 5.04 7.46 -26.30
CA LEU C 64 5.54 7.80 -27.63
C LEU C 64 6.61 6.81 -28.06
N PRO C 65 6.70 6.52 -29.36
CA PRO C 65 7.73 5.66 -29.93
C PRO C 65 9.14 5.93 -29.38
N GLY C 66 9.82 4.87 -28.95
CA GLY C 66 11.24 4.94 -28.63
C GLY C 66 11.59 5.02 -27.16
N ARG C 67 10.84 4.30 -26.33
CA ARG C 67 11.10 4.27 -24.89
C ARG C 67 10.28 3.18 -24.21
N GLY C 68 10.62 2.86 -22.98
CA GLY C 68 9.87 1.87 -22.28
C GLY C 68 9.91 0.58 -23.05
N LEU C 69 8.76 0.09 -23.41
CA LEU C 69 8.64 -1.17 -24.06
C LEU C 69 8.60 -0.90 -25.54
N ARG C 70 9.02 0.29 -25.92
CA ARG C 70 9.17 0.62 -27.31
C ARG C 70 10.53 1.19 -27.51
N LEU C 71 11.52 0.67 -26.83
CA LEU C 71 12.80 1.33 -26.92
C LEU C 71 13.62 1.00 -28.16
N ARG C 72 13.25 -0.05 -28.87
CA ARG C 72 13.92 -0.45 -30.12
C ARG C 72 13.52 0.49 -31.26
N GLU C 73 12.25 0.89 -31.27
CA GLU C 73 11.74 1.84 -32.27
C GLU C 73 12.49 3.17 -32.15
N ARG C 74 12.65 3.87 -33.27
CA ARG C 74 13.29 5.17 -33.26
C ARG C 74 12.25 6.23 -32.91
N PRO C 75 12.64 7.19 -32.06
CA PRO C 75 11.73 8.31 -31.72
C PRO C 75 11.54 9.31 -32.85
N TYR C 76 10.36 9.94 -32.91
CA TYR C 76 10.04 10.99 -33.90
C TYR C 76 10.77 12.28 -33.54
N ASP C 77 10.96 13.14 -34.55
CA ASP C 77 11.78 14.36 -34.43
C ASP C 77 11.08 15.65 -34.89
N THR C 78 9.84 15.52 -35.34
CA THR C 78 9.05 16.64 -35.85
C THR C 78 7.65 16.50 -35.29
N MET C 79 6.99 17.63 -35.06
CA MET C 79 5.70 17.63 -34.36
C MET C 79 4.57 17.16 -35.25
N GLU C 80 4.46 17.80 -36.43
CA GLU C 80 3.37 17.53 -37.37
C GLU C 80 3.16 16.04 -37.65
N PRO C 81 4.23 15.31 -38.03
CA PRO C 81 4.04 13.89 -38.31
C PRO C 81 3.72 13.08 -37.04
N LEU C 82 4.39 13.41 -35.94
CA LEU C 82 4.13 12.75 -34.65
C LEU C 82 2.68 12.99 -34.26
N ALA C 83 2.20 14.20 -34.47
CA ALA C 83 0.80 14.55 -34.26
C ALA C 83 -0.10 13.58 -35.03
N GLU C 84 0.21 13.38 -36.30
CA GLU C 84 -0.56 12.48 -37.17
C GLU C 84 -0.60 11.11 -36.55
N ALA C 85 0.57 10.51 -36.34
CA ALA C 85 0.66 9.13 -35.84
C ALA C 85 -0.13 8.90 -34.56
N VAL C 86 -0.23 9.93 -33.71
CA VAL C 86 -1.06 9.84 -32.49
C VAL C 86 -2.53 9.79 -32.90
N ALA C 87 -2.96 10.75 -33.70
CA ALA C 87 -4.32 10.76 -34.24
C ALA C 87 -4.69 9.39 -34.84
N ASP C 88 -3.80 8.86 -35.66
CA ASP C 88 -4.01 7.55 -36.25
C ASP C 88 -4.32 6.52 -35.15
N ALA C 89 -3.46 6.50 -34.14
CA ALA C 89 -3.53 5.49 -33.08
C ALA C 89 -4.82 5.58 -32.29
N LEU C 90 -5.27 6.81 -32.03
CA LEU C 90 -6.50 7.03 -31.29
C LEU C 90 -7.71 6.42 -31.99
N GLU C 91 -7.69 6.42 -33.32
CA GLU C 91 -8.84 5.98 -34.13
C GLU C 91 -8.84 4.48 -34.44
N GLU C 92 -7.66 3.86 -34.52
CA GLU C 92 -7.59 2.39 -34.61
C GLU C 92 -8.31 1.79 -33.38
N HIS C 93 -8.03 2.38 -32.21
CA HIS C 93 -8.59 1.92 -30.92
C HIS C 93 -9.79 2.76 -30.43
N ARG C 94 -10.33 3.62 -31.28
CA ARG C 94 -11.59 4.32 -31.04
C ARG C 94 -11.65 5.04 -29.69
N LEU C 95 -10.66 5.89 -29.45
CA LEU C 95 -10.65 6.74 -28.26
C LEU C 95 -11.24 8.12 -28.55
N THR C 96 -11.49 8.40 -29.82
CA THR C 96 -11.86 9.73 -30.28
C THR C 96 -13.20 10.29 -29.74
N HIS C 97 -13.92 9.51 -28.94
CA HIS C 97 -15.21 9.95 -28.40
C HIS C 97 -15.15 9.98 -26.88
N ASP C 98 -15.81 10.99 -26.30
CA ASP C 98 -15.86 11.18 -24.85
C ASP C 98 -14.44 11.22 -24.29
N TYR C 99 -13.70 12.27 -24.66
CA TYR C 99 -12.26 12.33 -24.41
C TYR C 99 -11.77 13.76 -24.17
N ALA C 100 -10.79 13.90 -23.28
CA ALA C 100 -10.10 15.18 -23.08
C ALA C 100 -8.59 14.98 -23.19
N LEU C 101 -7.86 16.08 -23.38
CA LEU C 101 -6.42 16.03 -23.57
C LEU C 101 -5.69 16.77 -22.44
N PHE C 102 -4.58 16.19 -22.00
CA PHE C 102 -3.64 16.88 -21.10
C PHE C 102 -2.21 16.67 -21.58
N GLY C 103 -1.37 17.69 -21.44
CA GLY C 103 0.05 17.51 -21.73
C GLY C 103 0.95 18.49 -21.00
N HIS C 104 2.14 18.02 -20.63
CA HIS C 104 3.12 18.83 -19.91
C HIS C 104 4.29 19.21 -20.83
N SER C 105 4.62 20.49 -20.85
CA SER C 105 5.69 20.98 -21.69
C SER C 105 5.54 20.46 -23.12
N MET C 106 6.58 19.80 -23.66
CA MET C 106 6.45 19.15 -24.95
C MET C 106 5.03 18.57 -25.15
N GLY C 107 4.51 17.89 -24.12
CA GLY C 107 3.20 17.24 -24.20
C GLY C 107 2.03 18.14 -24.55
N ALA C 108 2.12 19.40 -24.12
CA ALA C 108 1.07 20.39 -24.38
C ALA C 108 1.01 20.73 -25.86
N LEU C 109 2.12 21.21 -26.39
CA LEU C 109 2.27 21.46 -27.81
C LEU C 109 1.74 20.26 -28.58
N LEU C 110 2.28 19.08 -28.30
CA LEU C 110 1.79 17.86 -28.96
C LEU C 110 0.28 17.79 -28.83
N ALA C 111 -0.22 17.87 -27.60
CA ALA C 111 -1.67 17.79 -27.33
C ALA C 111 -2.47 18.79 -28.14
N TYR C 112 -2.02 20.04 -28.15
CA TYR C 112 -2.63 21.09 -28.94
C TYR C 112 -2.64 20.64 -30.40
N GLU C 113 -1.47 20.32 -30.91
CA GLU C 113 -1.34 19.91 -32.31
C GLU C 113 -2.29 18.79 -32.63
N VAL C 114 -2.40 17.81 -31.73
CA VAL C 114 -3.30 16.68 -31.94
C VAL C 114 -4.78 17.08 -31.98
N ALA C 115 -5.16 18.13 -31.25
CA ALA C 115 -6.54 18.61 -31.28
C ALA C 115 -6.87 19.16 -32.66
N CYS C 116 -6.00 20.04 -33.17
CA CYS C 116 -6.15 20.61 -34.50
C CYS C 116 -6.25 19.52 -35.58
N VAL C 117 -5.42 18.48 -35.47
CA VAL C 117 -5.42 17.41 -36.48
C VAL C 117 -6.72 16.60 -36.51
N LEU C 118 -7.35 16.42 -35.36
CA LEU C 118 -8.61 15.68 -35.27
C LEU C 118 -9.79 16.54 -35.75
N ARG C 119 -9.70 17.84 -35.52
CA ARG C 119 -10.65 18.79 -36.09
C ARG C 119 -10.60 18.67 -37.60
N ARG C 120 -9.38 18.71 -38.14
CA ARG C 120 -9.12 18.57 -39.58
C ARG C 120 -9.64 17.25 -40.18
N ARG C 121 -9.67 16.21 -39.37
CA ARG C 121 -10.24 14.93 -39.81
C ARG C 121 -11.75 14.88 -39.55
N GLY C 122 -12.25 15.82 -38.74
CA GLY C 122 -13.69 16.00 -38.54
C GLY C 122 -14.28 15.07 -37.49
N ALA C 123 -13.41 14.50 -36.64
CA ALA C 123 -13.87 13.74 -35.48
C ALA C 123 -14.21 14.73 -34.35
N PRO C 124 -15.02 14.29 -33.36
CA PRO C 124 -15.52 15.13 -32.26
C PRO C 124 -14.45 15.99 -31.58
N ARG C 125 -14.85 17.17 -31.13
CA ARG C 125 -13.95 18.05 -30.39
C ARG C 125 -13.76 17.53 -28.97
N PRO C 126 -12.55 17.68 -28.41
CA PRO C 126 -12.38 17.28 -27.01
C PRO C 126 -13.29 18.07 -26.09
N ARG C 127 -13.65 17.48 -24.95
CA ARG C 127 -14.47 18.16 -23.96
C ARG C 127 -13.68 19.15 -23.10
N HIS C 128 -12.36 18.98 -23.07
CA HIS C 128 -11.48 19.93 -22.39
C HIS C 128 -10.02 19.72 -22.80
N LEU C 129 -9.25 20.80 -22.83
CA LEU C 129 -7.82 20.73 -23.13
C LEU C 129 -7.07 21.29 -21.96
N PHE C 130 -6.28 20.45 -21.31
CA PHE C 130 -5.46 20.88 -20.19
C PHE C 130 -4.04 20.97 -20.69
N VAL C 131 -3.45 22.15 -20.64
CA VAL C 131 -2.07 22.30 -20.99
C VAL C 131 -1.34 22.76 -19.77
N SER C 132 -0.27 22.06 -19.43
CA SER C 132 0.50 22.39 -18.25
C SER C 132 1.94 22.62 -18.66
N GLY C 133 2.56 23.62 -18.05
CA GLY C 133 3.99 23.83 -18.18
C GLY C 133 4.46 24.09 -19.60
N SER C 134 3.81 25.04 -20.27
CA SER C 134 4.14 25.34 -21.67
C SER C 134 3.69 26.72 -22.07
N ARG C 135 4.62 27.49 -22.63
CA ARG C 135 4.32 28.71 -23.36
C ARG C 135 3.33 28.46 -24.50
N ALA C 136 2.77 29.54 -25.04
CA ALA C 136 1.85 29.42 -26.17
C ALA C 136 2.57 28.83 -27.39
N PRO C 137 1.86 28.05 -28.22
CA PRO C 137 2.54 27.38 -29.32
C PRO C 137 3.35 28.36 -30.19
N HIS C 138 2.77 29.51 -30.48
CA HIS C 138 3.45 30.51 -31.29
C HIS C 138 4.72 31.08 -30.66
N LEU C 139 5.08 30.64 -29.46
CA LEU C 139 6.27 31.15 -28.77
C LEU C 139 7.41 30.16 -28.75
N TYR C 140 7.14 28.92 -29.14
CA TYR C 140 8.21 27.93 -29.31
C TYR C 140 9.06 28.32 -30.52
N GLY C 141 10.37 28.07 -30.45
CA GLY C 141 11.30 28.37 -31.55
C GLY C 141 12.38 29.41 -31.28
N ASP C 142 12.74 29.62 -30.02
CA ASP C 142 13.90 30.45 -29.68
C ASP C 142 14.88 29.73 -28.73
N ARG C 143 14.68 28.42 -28.53
CA ARG C 143 15.50 27.61 -27.65
C ARG C 143 16.26 26.57 -28.45
N ALA C 144 17.56 26.46 -28.17
CA ALA C 144 18.46 25.58 -28.89
C ALA C 144 19.02 24.55 -27.92
N ASP C 145 18.18 24.11 -26.99
CA ASP C 145 18.61 23.14 -25.97
C ASP C 145 18.95 21.78 -26.60
N HIS C 146 18.18 21.38 -27.61
CA HIS C 146 18.38 20.07 -28.24
C HIS C 146 19.71 19.99 -28.98
N THR C 147 20.36 21.13 -29.21
CA THR C 147 21.65 21.18 -29.92
C THR C 147 22.84 21.43 -28.98
N LEU C 148 22.71 21.04 -27.70
CA LEU C 148 23.75 21.30 -26.70
C LEU C 148 24.63 20.06 -26.50
N SER C 149 25.69 20.21 -25.71
CA SER C 149 26.54 19.09 -25.32
C SER C 149 25.79 18.22 -24.34
N ASP C 150 26.21 16.97 -24.19
CA ASP C 150 25.60 16.08 -23.20
C ASP C 150 25.63 16.66 -21.79
N THR C 151 26.69 17.37 -21.45
CA THR C 151 26.79 17.98 -20.13
C THR C 151 25.79 19.12 -19.99
N ALA C 152 25.95 20.17 -20.80
CA ALA C 152 25.05 21.32 -20.77
C ALA C 152 23.60 20.86 -20.71
N LEU C 153 23.21 19.96 -21.62
CA LEU C 153 21.83 19.46 -21.70
C LEU C 153 21.39 18.72 -20.45
N ARG C 154 22.28 17.91 -19.89
CA ARG C 154 22.01 17.25 -18.60
C ARG C 154 22.01 18.25 -17.45
N GLU C 155 22.85 19.29 -17.57
CA GLU C 155 22.87 20.37 -16.58
C GLU C 155 21.55 21.11 -16.61
N VAL C 156 21.09 21.41 -17.82
CA VAL C 156 19.88 22.18 -18.02
C VAL C 156 18.67 21.46 -17.40
N ILE C 157 18.41 20.21 -17.82
CA ILE C 157 17.32 19.40 -17.26
C ILE C 157 17.41 19.31 -15.73
N ARG C 158 18.62 19.09 -15.23
CA ARG C 158 18.85 19.04 -13.80
C ARG C 158 18.38 20.33 -13.13
N ASP C 159 18.75 21.49 -13.69
CA ASP C 159 18.46 22.78 -13.06
C ASP C 159 17.06 23.33 -13.36
N LEU C 160 16.24 22.52 -14.03
CA LEU C 160 14.81 22.78 -14.07
C LEU C 160 14.16 21.86 -13.04
N GLY C 161 14.99 21.17 -12.26
CA GLY C 161 14.52 20.21 -11.27
C GLY C 161 14.09 18.91 -11.91
N GLY C 162 14.94 18.39 -12.81
CA GLY C 162 14.63 17.17 -13.55
C GLY C 162 15.67 16.08 -13.31
N ARG C 177 19.25 7.03 -23.31
CA ARG C 177 17.97 7.71 -23.47
C ARG C 177 18.09 9.17 -23.97
N LEU C 178 19.31 9.69 -24.07
CA LEU C 178 19.53 11.06 -24.57
C LEU C 178 19.04 11.32 -26.01
N PRO C 179 19.20 10.35 -26.92
CA PRO C 179 18.58 10.52 -28.23
C PRO C 179 17.07 10.74 -28.16
N VAL C 180 16.39 10.02 -27.28
CA VAL C 180 14.93 10.14 -27.17
C VAL C 180 14.57 11.56 -26.75
N LEU C 181 15.27 12.07 -25.76
CA LEU C 181 15.09 13.44 -25.29
C LEU C 181 15.42 14.46 -26.38
N ARG C 182 16.55 14.25 -27.05
CA ARG C 182 16.99 15.12 -28.16
C ARG C 182 15.98 15.15 -29.29
N ALA C 183 15.45 13.98 -29.63
CA ALA C 183 14.40 13.88 -30.63
C ALA C 183 13.20 14.69 -30.14
N ASP C 184 12.69 14.32 -28.96
CA ASP C 184 11.54 15.00 -28.33
C ASP C 184 11.72 16.52 -28.29
N LEU C 185 12.85 16.97 -27.77
CA LEU C 185 13.12 18.42 -27.65
C LEU C 185 13.32 19.11 -29.01
N ARG C 186 13.69 18.36 -30.03
CA ARG C 186 13.87 18.91 -31.37
C ARG C 186 12.52 19.30 -31.97
N ALA C 187 11.53 18.43 -31.80
CA ALA C 187 10.16 18.70 -32.28
C ALA C 187 9.62 20.02 -31.78
N CYS C 188 9.72 20.24 -30.46
CA CYS C 188 9.32 21.50 -29.83
C CYS C 188 10.00 22.69 -30.48
N GLU C 189 11.32 22.62 -30.56
CA GLU C 189 12.14 23.79 -30.78
C GLU C 189 12.31 24.20 -32.25
N ARG C 190 12.00 23.27 -33.17
CA ARG C 190 11.98 23.60 -34.61
C ARG C 190 10.55 23.86 -35.15
N TYR C 191 9.56 23.80 -34.26
CA TYR C 191 8.17 24.20 -34.54
C TYR C 191 8.08 25.67 -34.89
N ASP C 192 7.22 25.99 -35.86
CA ASP C 192 6.90 27.38 -36.16
C ASP C 192 5.40 27.44 -36.39
N TRP C 193 4.70 28.17 -35.53
CA TRP C 193 3.25 28.13 -35.49
C TRP C 193 2.66 28.75 -36.73
N HIS C 194 1.95 27.94 -37.50
CA HIS C 194 1.25 28.43 -38.68
C HIS C 194 -0.19 28.73 -38.30
N PRO C 195 -0.60 29.99 -38.47
CA PRO C 195 -1.95 30.38 -38.13
C PRO C 195 -3.07 29.44 -38.57
N ARG C 196 -4.05 29.27 -37.70
CA ARG C 196 -5.25 28.53 -38.00
C ARG C 196 -6.34 28.96 -37.03
N PRO C 197 -7.56 28.44 -37.21
CA PRO C 197 -8.63 28.87 -36.30
C PRO C 197 -8.42 28.35 -34.86
N PRO C 198 -8.84 29.14 -33.86
CA PRO C 198 -8.75 28.71 -32.47
C PRO C 198 -9.61 27.47 -32.20
N LEU C 199 -9.19 26.65 -31.24
CA LEU C 199 -10.00 25.48 -30.84
C LEU C 199 -11.29 25.91 -30.14
N ASP C 200 -12.33 25.09 -30.21
CA ASP C 200 -13.61 25.44 -29.59
C ASP C 200 -13.71 25.02 -28.12
N CYS C 201 -13.12 23.89 -27.77
CA CYS C 201 -13.30 23.31 -26.45
C CYS C 201 -12.73 24.21 -25.34
N PRO C 202 -13.24 24.04 -24.10
CA PRO C 202 -12.71 24.86 -23.02
C PRO C 202 -11.29 24.42 -22.69
N THR C 203 -10.48 25.36 -22.19
CA THR C 203 -9.07 25.06 -21.94
C THR C 203 -8.61 25.63 -20.60
N THR C 204 -7.66 24.97 -19.96
CA THR C 204 -7.13 25.40 -18.68
C THR C 204 -5.61 25.25 -18.70
N ALA C 205 -4.88 26.34 -18.48
CA ALA C 205 -3.42 26.33 -18.58
C ALA C 205 -2.77 26.50 -17.23
N PHE C 206 -1.63 25.84 -17.02
CA PHE C 206 -0.96 25.84 -15.73
C PHE C 206 0.41 26.47 -15.85
N SER C 207 0.64 27.51 -15.05
CA SER C 207 1.94 28.17 -14.95
C SER C 207 2.55 27.80 -13.60
N ALA C 208 3.85 28.07 -13.44
CA ALA C 208 4.56 27.73 -12.22
C ALA C 208 5.40 28.92 -11.76
N ALA C 209 5.47 29.10 -10.46
CA ALA C 209 6.17 30.20 -9.85
C ALA C 209 7.63 30.13 -10.10
N ALA C 210 8.12 28.90 -10.08
CA ALA C 210 9.53 28.65 -10.18
C ALA C 210 9.91 28.04 -11.50
N ASP C 211 9.29 28.46 -12.56
CA ASP C 211 9.68 27.97 -13.85
C ASP C 211 10.10 29.09 -14.73
N PRO C 212 11.36 29.16 -15.14
CA PRO C 212 11.83 30.23 -16.03
C PRO C 212 11.43 30.07 -17.51
N ILE C 213 11.05 28.85 -17.90
CA ILE C 213 10.83 28.48 -19.31
C ILE C 213 9.36 28.55 -19.76
N ALA C 214 8.46 28.69 -18.78
CA ALA C 214 7.02 28.84 -19.03
C ALA C 214 6.39 29.70 -17.93
N THR C 215 6.48 31.01 -18.11
CA THR C 215 6.08 32.03 -17.13
C THR C 215 4.59 32.28 -17.21
N PRO C 216 4.05 33.18 -16.36
CA PRO C 216 2.64 33.55 -16.52
C PRO C 216 2.35 34.24 -17.85
N GLU C 217 3.17 35.23 -18.21
CA GLU C 217 3.08 35.86 -19.53
C GLU C 217 3.04 34.79 -20.62
N MET C 218 4.04 33.91 -20.62
CA MET C 218 4.12 32.83 -21.59
C MET C 218 2.84 32.00 -21.64
N VAL C 219 2.30 31.66 -20.47
CA VAL C 219 1.16 30.73 -20.39
C VAL C 219 -0.17 31.45 -20.56
N GLU C 220 -0.28 32.63 -19.98
CA GLU C 220 -1.46 33.45 -20.19
C GLU C 220 -1.74 33.53 -21.68
N ALA C 221 -0.66 33.57 -22.47
CA ALA C 221 -0.72 33.71 -23.93
C ALA C 221 -1.58 32.67 -24.63
N TRP C 222 -1.76 31.51 -24.02
CA TRP C 222 -2.65 30.50 -24.57
C TRP C 222 -4.08 30.99 -24.80
N ARG C 223 -4.49 32.02 -24.07
CA ARG C 223 -5.91 32.43 -24.02
C ARG C 223 -6.62 32.46 -25.38
N PRO C 224 -6.08 33.23 -26.35
CA PRO C 224 -6.71 33.30 -27.66
C PRO C 224 -6.68 32.04 -28.51
N TYR C 225 -6.08 30.95 -28.03
CA TYR C 225 -6.08 29.71 -28.81
C TYR C 225 -7.37 28.95 -28.67
N THR C 226 -8.32 29.48 -27.92
CA THR C 226 -9.63 28.87 -27.83
C THR C 226 -10.74 29.91 -27.73
N THR C 227 -11.92 29.54 -28.21
CA THR C 227 -13.12 30.38 -28.13
C THR C 227 -14.01 29.99 -26.94
N GLY C 228 -13.89 28.75 -26.47
CA GLY C 228 -14.59 28.31 -25.26
C GLY C 228 -14.02 29.01 -24.06
N SER C 229 -14.32 28.52 -22.87
CA SER C 229 -13.80 29.12 -21.64
C SER C 229 -12.29 28.84 -21.46
N PHE C 230 -11.59 29.80 -20.84
CA PHE C 230 -10.16 29.68 -20.56
C PHE C 230 -9.83 30.17 -19.16
N LEU C 231 -8.99 29.42 -18.44
CA LEU C 231 -8.56 29.81 -17.09
C LEU C 231 -7.11 29.41 -16.85
N ARG C 232 -6.32 30.27 -16.24
CA ARG C 232 -4.94 29.94 -15.90
C ARG C 232 -4.76 29.74 -14.40
N ARG C 233 -4.31 28.56 -14.01
CA ARG C 233 -4.06 28.26 -12.61
C ARG C 233 -2.55 28.37 -12.32
N HIS C 234 -2.19 29.26 -11.41
CA HIS C 234 -0.80 29.41 -10.99
C HIS C 234 -0.46 28.29 -9.99
N LEU C 235 0.80 27.85 -9.98
CA LEU C 235 1.29 26.85 -9.03
C LEU C 235 2.69 27.20 -8.56
N PRO C 236 3.03 26.83 -7.31
CA PRO C 236 4.42 26.99 -6.88
C PRO C 236 5.26 25.82 -7.41
N GLY C 237 6.56 25.99 -7.38
CA GLY C 237 7.45 24.93 -7.80
C GLY C 237 7.94 25.12 -9.23
N ASN C 238 8.58 24.08 -9.75
CA ASN C 238 9.44 24.23 -10.90
C ASN C 238 8.90 23.55 -12.17
N HIS C 239 9.67 23.62 -13.26
CA HIS C 239 9.22 23.12 -14.56
C HIS C 239 8.76 21.66 -14.57
N PHE C 240 9.39 20.82 -13.75
CA PHE C 240 9.01 19.40 -13.65
C PHE C 240 8.23 19.12 -12.37
N PHE C 241 7.44 20.10 -11.95
CA PHE C 241 6.57 19.93 -10.80
C PHE C 241 5.69 18.67 -10.95
N LEU C 242 5.28 18.38 -12.18
CA LEU C 242 4.57 17.15 -12.51
C LEU C 242 5.13 15.90 -11.82
N ASN C 243 6.43 15.89 -11.55
CA ASN C 243 7.09 14.70 -11.00
C ASN C 243 6.67 14.32 -9.57
N GLY C 244 6.57 15.31 -8.68
CA GLY C 244 6.15 15.05 -7.30
C GLY C 244 6.15 16.25 -6.37
N GLY C 245 5.22 16.24 -5.41
CA GLY C 245 5.19 17.26 -4.35
C GLY C 245 3.90 18.07 -4.34
N PRO C 246 3.95 19.27 -3.75
CA PRO C 246 2.71 20.05 -3.61
C PRO C 246 2.07 20.30 -4.96
N SER C 247 2.89 20.76 -5.88
CA SER C 247 2.42 21.17 -7.20
C SER C 247 1.83 20.00 -7.97
N ARG C 248 2.40 18.81 -7.81
CA ARG C 248 1.83 17.62 -8.41
C ARG C 248 0.45 17.35 -7.84
N ASP C 249 0.33 17.46 -6.52
CA ASP C 249 -0.98 17.30 -5.88
C ASP C 249 -1.93 18.40 -6.35
N ARG C 250 -1.48 19.66 -6.32
CA ARG C 250 -2.34 20.76 -6.74
C ARG C 250 -2.95 20.51 -8.11
N LEU C 251 -2.14 20.01 -9.04
CA LEU C 251 -2.51 19.84 -10.43
C LEU C 251 -3.62 18.83 -10.58
N LEU C 252 -3.42 17.66 -10.00
CA LEU C 252 -4.47 16.63 -9.98
C LEU C 252 -5.77 17.15 -9.38
N ALA C 253 -5.66 17.98 -8.36
CA ALA C 253 -6.84 18.59 -7.74
C ALA C 253 -7.60 19.44 -8.74
N HIS C 254 -6.86 20.31 -9.41
CA HIS C 254 -7.43 21.19 -10.42
C HIS C 254 -8.03 20.42 -11.60
N LEU C 255 -7.41 19.31 -11.98
CA LEU C 255 -8.02 18.46 -12.99
C LEU C 255 -9.37 17.92 -12.51
N GLY C 256 -9.41 17.48 -11.25
CA GLY C 256 -10.61 16.84 -10.71
C GLY C 256 -11.80 17.78 -10.60
N THR C 257 -11.52 19.07 -10.40
CA THR C 257 -12.56 20.08 -10.25
C THR C 257 -13.29 20.29 -11.59
N GLU C 258 -12.60 20.07 -12.70
CA GLU C 258 -13.22 20.21 -14.03
C GLU C 258 -13.58 18.88 -14.72
N LEU C 259 -13.41 17.76 -14.02
CA LEU C 259 -13.73 16.44 -14.59
C LEU C 259 -14.87 15.74 -13.81
N SER D 9 15.64 -24.76 30.62
CA SER D 9 14.82 -24.01 31.62
C SER D 9 13.33 -24.40 31.51
N ALA D 10 12.64 -24.36 32.65
CA ALA D 10 11.19 -24.56 32.70
C ALA D 10 10.46 -23.49 31.88
N TRP D 11 11.01 -22.27 31.85
CA TRP D 11 10.42 -21.18 31.07
C TRP D 11 10.57 -21.37 29.58
N PHE D 12 11.69 -21.97 29.15
CA PHE D 12 12.03 -22.07 27.72
C PHE D 12 12.26 -23.51 27.27
N PRO D 13 11.20 -24.34 27.27
CA PRO D 13 11.37 -25.70 26.77
C PRO D 13 11.63 -25.71 25.28
N ARG D 14 12.54 -26.57 24.83
CA ARG D 14 12.82 -26.72 23.41
C ARG D 14 11.62 -27.30 22.67
N PRO D 15 11.29 -26.70 21.52
CA PRO D 15 10.10 -27.12 20.77
C PRO D 15 10.20 -28.55 20.29
N VAL D 16 9.07 -29.26 20.31
CA VAL D 16 8.97 -30.62 19.77
C VAL D 16 9.24 -30.55 18.27
N ALA D 17 9.87 -31.58 17.70
CA ALA D 17 10.11 -31.60 16.26
C ALA D 17 8.78 -31.69 15.52
N ALA D 18 8.67 -30.96 14.41
CA ALA D 18 7.47 -30.99 13.58
C ALA D 18 7.29 -32.42 13.05
N PRO D 19 6.09 -33.00 13.20
CA PRO D 19 5.85 -34.36 12.65
C PRO D 19 6.05 -34.40 11.13
N ALA D 20 6.76 -35.42 10.63
CA ALA D 20 7.05 -35.56 9.20
C ALA D 20 5.79 -35.43 8.36
N ALA D 21 5.93 -34.78 7.21
CA ALA D 21 4.79 -34.28 6.45
C ALA D 21 4.43 -35.18 5.28
N GLU D 22 3.13 -35.35 5.05
CA GLU D 22 2.63 -35.91 3.80
C GLU D 22 2.47 -34.75 2.81
N PRO D 23 3.31 -34.72 1.76
CA PRO D 23 3.23 -33.62 0.80
C PRO D 23 1.97 -33.70 -0.05
N PRO D 24 1.35 -32.54 -0.33
CA PRO D 24 0.09 -32.58 -1.07
C PRO D 24 0.26 -33.15 -2.48
N ASP D 25 -0.83 -33.71 -3.00
CA ASP D 25 -0.92 -34.13 -4.40
C ASP D 25 -1.02 -32.85 -5.25
N PRO D 26 -0.09 -32.67 -6.22
CA PRO D 26 -0.17 -31.54 -7.15
C PRO D 26 -1.50 -31.38 -7.88
N ALA D 27 -2.23 -32.47 -8.04
CA ALA D 27 -3.61 -32.49 -8.51
C ALA D 27 -4.60 -31.90 -7.54
N ALA D 28 -4.39 -32.16 -6.26
CA ALA D 28 -5.33 -31.79 -5.23
C ALA D 28 -4.90 -30.55 -4.47
N ALA D 29 -4.04 -29.77 -5.07
CA ALA D 29 -3.54 -28.60 -4.44
C ALA D 29 -4.22 -27.30 -4.90
N PRO D 30 -4.66 -26.50 -3.95
CA PRO D 30 -5.29 -25.22 -4.25
C PRO D 30 -4.51 -24.43 -5.27
N LEU D 31 -3.21 -24.31 -5.03
CA LEU D 31 -2.28 -23.67 -5.94
C LEU D 31 -1.12 -24.64 -6.24
N ARG D 32 -0.46 -24.44 -7.38
CA ARG D 32 0.76 -25.19 -7.73
C ARG D 32 1.83 -24.16 -8.05
N LEU D 33 3.04 -24.33 -7.51
CA LEU D 33 4.14 -23.41 -7.81
C LEU D 33 5.20 -24.11 -8.66
N VAL D 34 5.31 -23.65 -9.91
CA VAL D 34 6.15 -24.25 -10.93
C VAL D 34 7.50 -23.53 -10.94
N CYS D 35 8.53 -24.26 -10.53
CA CYS D 35 9.82 -23.67 -10.21
C CYS D 35 10.91 -24.04 -11.21
N PHE D 36 11.62 -23.04 -11.72
CA PHE D 36 12.65 -23.22 -12.73
C PHE D 36 14.03 -22.92 -12.18
N PRO D 37 14.98 -23.86 -12.37
CA PRO D 37 16.31 -23.68 -11.80
C PRO D 37 17.20 -22.75 -12.59
N TYR D 38 18.38 -22.52 -12.06
CA TYR D 38 19.35 -21.66 -12.71
C TYR D 38 20.09 -22.47 -13.74
N ALA D 39 20.90 -21.77 -14.53
CA ALA D 39 21.77 -22.39 -15.52
C ALA D 39 22.64 -23.42 -14.86
N GLY D 40 22.53 -24.67 -15.32
CA GLY D 40 23.36 -25.78 -14.85
C GLY D 40 22.74 -26.45 -13.64
N GLY D 41 21.52 -26.03 -13.29
CA GLY D 41 20.88 -26.43 -12.06
C GLY D 41 19.95 -27.59 -12.27
N THR D 42 19.44 -28.10 -11.17
CA THR D 42 18.55 -29.24 -11.18
C THR D 42 17.42 -28.94 -10.20
N VAL D 43 16.54 -29.90 -9.99
CA VAL D 43 15.43 -29.73 -9.07
C VAL D 43 15.84 -29.70 -7.58
N SER D 44 17.05 -30.13 -7.26
CA SER D 44 17.54 -30.09 -5.88
C SER D 44 17.67 -28.65 -5.34
N ALA D 45 17.85 -27.65 -6.21
CA ALA D 45 17.87 -26.24 -5.77
C ALA D 45 16.58 -25.86 -4.98
N PHE D 46 15.50 -26.60 -5.20
CA PHE D 46 14.25 -26.39 -4.50
C PHE D 46 13.97 -27.51 -3.51
N ARG D 47 15.03 -28.03 -2.90
CA ARG D 47 14.91 -28.99 -1.81
C ARG D 47 14.54 -28.20 -0.55
N GLY D 48 13.51 -28.66 0.14
CA GLY D 48 13.10 -28.04 1.39
C GLY D 48 11.98 -27.03 1.23
N TRP D 49 11.73 -26.59 0.00
CA TRP D 49 10.75 -25.54 -0.24
C TRP D 49 9.34 -25.94 0.16
N GLN D 50 8.94 -27.19 -0.10
CA GLN D 50 7.58 -27.64 0.21
C GLN D 50 7.26 -27.44 1.68
N GLU D 51 8.21 -27.84 2.52
CA GLU D 51 8.07 -27.77 3.97
C GLU D 51 7.88 -26.33 4.44
N ARG D 52 8.57 -25.40 3.78
CA ARG D 52 8.57 -23.99 4.19
C ARG D 52 7.37 -23.18 3.73
N LEU D 53 6.52 -23.77 2.90
CA LEU D 53 5.39 -23.03 2.33
C LEU D 53 4.04 -23.58 2.73
N GLY D 54 4.00 -24.81 3.22
CA GLY D 54 2.76 -25.40 3.73
C GLY D 54 1.96 -26.17 2.68
N ASP D 55 0.69 -26.42 3.00
CA ASP D 55 -0.13 -27.38 2.25
C ASP D 55 -1.15 -26.74 1.28
N GLU D 56 -1.13 -25.42 1.14
CA GLU D 56 -2.02 -24.72 0.19
C GLU D 56 -1.32 -24.47 -1.16
N VAL D 57 -0.06 -24.89 -1.25
CA VAL D 57 0.74 -24.73 -2.46
C VAL D 57 1.56 -26.01 -2.61
N ALA D 58 1.39 -26.68 -3.75
CA ALA D 58 2.22 -27.83 -4.11
C ALA D 58 3.38 -27.31 -4.94
N VAL D 59 4.60 -27.54 -4.47
CA VAL D 59 5.81 -27.10 -5.16
C VAL D 59 6.15 -28.15 -6.19
N VAL D 60 6.14 -27.75 -7.46
CA VAL D 60 6.39 -28.68 -8.56
C VAL D 60 7.61 -28.20 -9.37
N PRO D 61 8.81 -28.63 -8.96
CA PRO D 61 9.99 -28.20 -9.69
C PRO D 61 10.11 -28.91 -11.04
N VAL D 62 10.72 -28.22 -12.00
CA VAL D 62 10.84 -28.75 -13.34
C VAL D 62 12.27 -29.19 -13.58
N GLN D 63 12.44 -30.48 -13.86
CA GLN D 63 13.74 -31.04 -14.24
C GLN D 63 13.89 -31.02 -15.76
N LEU D 64 14.78 -30.17 -16.25
CA LEU D 64 15.04 -30.09 -17.67
C LEU D 64 15.75 -31.35 -18.14
N PRO D 65 15.75 -31.60 -19.46
CA PRO D 65 16.45 -32.80 -19.92
C PRO D 65 17.95 -32.55 -19.94
N GLY D 66 18.70 -33.58 -19.55
CA GLY D 66 20.17 -33.51 -19.51
C GLY D 66 20.75 -33.58 -18.11
N ARG D 67 19.93 -33.98 -17.13
CA ARG D 67 20.36 -33.98 -15.74
C ARG D 67 19.45 -34.85 -14.93
N GLY D 68 19.87 -35.17 -13.71
CA GLY D 68 19.13 -36.11 -12.86
C GLY D 68 18.91 -37.42 -13.58
N LEU D 69 17.68 -37.92 -13.54
CA LEU D 69 17.32 -39.17 -14.20
C LEU D 69 17.13 -38.96 -15.70
N ARG D 70 17.51 -37.79 -16.20
CA ARG D 70 17.39 -37.45 -17.60
C ARG D 70 18.76 -37.08 -18.12
N LEU D 71 19.77 -37.75 -17.59
CA LEU D 71 21.14 -37.54 -17.99
C LEU D 71 21.40 -37.98 -19.44
N ARG D 72 20.67 -39.02 -19.87
CA ARG D 72 20.83 -39.58 -21.22
C ARG D 72 20.21 -38.72 -22.32
N GLU D 73 19.31 -37.82 -21.95
CA GLU D 73 18.62 -36.99 -22.92
C GLU D 73 19.44 -35.74 -23.22
N ARG D 74 19.28 -35.22 -24.43
CA ARG D 74 20.07 -34.08 -24.89
C ARG D 74 19.47 -32.77 -24.35
N PRO D 75 20.31 -31.90 -23.75
CA PRO D 75 19.83 -30.61 -23.29
C PRO D 75 19.60 -29.61 -24.43
N TYR D 76 18.55 -28.80 -24.31
CA TYR D 76 18.30 -27.76 -25.28
C TYR D 76 19.31 -26.62 -25.08
N ASP D 77 19.71 -26.00 -26.19
CA ASP D 77 20.49 -24.76 -26.18
C ASP D 77 19.72 -23.56 -26.78
N THR D 78 18.43 -23.76 -27.07
CA THR D 78 17.58 -22.72 -27.68
C THR D 78 16.33 -22.50 -26.82
N MET D 79 16.02 -21.24 -26.53
CA MET D 79 15.04 -20.90 -25.50
C MET D 79 13.59 -21.25 -25.82
N GLU D 80 13.13 -20.97 -27.05
CA GLU D 80 11.70 -21.17 -27.39
C GLU D 80 11.26 -22.63 -27.60
N PRO D 81 12.08 -23.44 -28.31
CA PRO D 81 11.72 -24.88 -28.26
C PRO D 81 11.62 -25.40 -26.83
N LEU D 82 12.55 -24.98 -25.98
CA LEU D 82 12.54 -25.36 -24.56
C LEU D 82 11.25 -24.90 -23.89
N ALA D 83 10.98 -23.61 -24.01
CA ALA D 83 9.73 -23.04 -23.49
C ALA D 83 8.50 -23.77 -24.02
N GLU D 84 8.52 -24.13 -25.31
CA GLU D 84 7.41 -24.86 -25.94
C GLU D 84 7.31 -26.31 -25.46
N ALA D 85 8.44 -26.98 -25.28
CA ALA D 85 8.46 -28.32 -24.69
C ALA D 85 7.88 -28.28 -23.27
N VAL D 86 8.28 -27.26 -22.50
CA VAL D 86 7.83 -27.07 -21.11
C VAL D 86 6.30 -26.90 -21.01
N ALA D 87 5.74 -26.08 -21.89
CA ALA D 87 4.31 -25.81 -21.90
C ALA D 87 3.55 -27.08 -22.31
N ASP D 88 4.08 -27.80 -23.30
CA ASP D 88 3.52 -29.08 -23.69
C ASP D 88 3.35 -29.95 -22.45
N ALA D 89 4.46 -30.19 -21.76
CA ALA D 89 4.47 -30.96 -20.52
C ALA D 89 3.46 -30.49 -19.45
N LEU D 90 3.34 -29.18 -19.27
CA LEU D 90 2.39 -28.63 -18.31
C LEU D 90 0.96 -28.90 -18.73
N GLU D 91 0.64 -28.64 -20.00
CA GLU D 91 -0.70 -28.92 -20.53
C GLU D 91 -1.00 -30.42 -20.47
N GLU D 92 0.03 -31.26 -20.63
CA GLU D 92 -0.16 -32.72 -20.64
C GLU D 92 -0.33 -33.31 -19.25
N HIS D 93 -0.14 -32.48 -18.22
CA HIS D 93 -0.41 -32.90 -16.84
C HIS D 93 -1.31 -31.94 -16.07
N ARG D 94 -2.10 -31.14 -16.80
CA ARG D 94 -3.19 -30.35 -16.21
C ARG D 94 -2.70 -29.44 -15.09
N LEU D 95 -1.56 -28.81 -15.29
CA LEU D 95 -0.95 -27.93 -14.27
C LEU D 95 -1.22 -26.46 -14.55
N THR D 96 -1.69 -26.16 -15.75
CA THR D 96 -1.88 -24.79 -16.19
C THR D 96 -3.27 -24.26 -15.78
N HIS D 97 -3.52 -24.26 -14.47
CA HIS D 97 -4.75 -23.76 -13.86
C HIS D 97 -4.50 -23.60 -12.38
N ASP D 98 -4.79 -22.43 -11.81
CA ASP D 98 -4.50 -22.20 -10.39
C ASP D 98 -3.03 -22.55 -10.11
N TYR D 99 -2.15 -21.71 -10.66
CA TYR D 99 -0.73 -21.96 -10.65
C TYR D 99 0.03 -20.65 -10.78
N ALA D 100 1.32 -20.69 -10.46
CA ALA D 100 2.20 -19.55 -10.69
C ALA D 100 3.61 -20.01 -11.07
N LEU D 101 4.48 -19.06 -11.38
CA LEU D 101 5.79 -19.36 -11.89
C LEU D 101 6.84 -18.70 -11.04
N PHE D 102 7.81 -19.51 -10.59
CA PHE D 102 9.07 -19.04 -10.05
C PHE D 102 10.26 -19.45 -10.93
N GLY D 103 11.18 -18.52 -11.16
CA GLY D 103 12.42 -18.84 -11.82
C GLY D 103 13.57 -18.03 -11.27
N HIS D 104 14.73 -18.62 -11.14
CA HIS D 104 15.88 -17.89 -10.71
C HIS D 104 16.87 -17.82 -11.84
N SER D 105 17.29 -16.64 -12.22
CA SER D 105 18.27 -16.53 -13.25
C SER D 105 17.72 -17.15 -14.54
N MET D 106 18.50 -17.99 -15.19
CA MET D 106 18.06 -18.61 -16.39
C MET D 106 16.62 -19.06 -16.25
N GLY D 107 16.26 -19.55 -15.08
CA GLY D 107 14.89 -19.93 -14.76
C GLY D 107 13.89 -18.78 -14.85
N ALA D 108 14.33 -17.57 -14.54
CA ALA D 108 13.50 -16.37 -14.66
C ALA D 108 13.17 -16.09 -16.12
N LEU D 109 14.21 -15.98 -16.93
CA LEU D 109 14.06 -15.77 -18.37
C LEU D 109 13.17 -16.86 -18.95
N LEU D 110 13.41 -18.10 -18.54
CA LEU D 110 12.64 -19.25 -19.00
C LEU D 110 11.20 -19.19 -18.53
N ALA D 111 11.00 -18.75 -17.28
CA ALA D 111 9.66 -18.58 -16.70
C ALA D 111 8.79 -17.64 -17.55
N TYR D 112 9.34 -16.46 -17.82
CA TYR D 112 8.69 -15.44 -18.64
C TYR D 112 8.29 -15.99 -20.01
N GLU D 113 9.24 -16.61 -20.69
CA GLU D 113 8.98 -17.21 -22.01
C GLU D 113 7.88 -18.26 -22.01
N VAL D 114 7.88 -19.17 -21.04
CA VAL D 114 6.77 -20.12 -20.91
C VAL D 114 5.44 -19.42 -20.62
N ALA D 115 5.49 -18.30 -19.89
CA ALA D 115 4.29 -17.51 -19.60
C ALA D 115 3.67 -17.02 -20.89
N CYS D 116 4.47 -16.33 -21.69
CA CYS D 116 4.06 -15.88 -23.01
C CYS D 116 3.48 -17.03 -23.85
N VAL D 117 4.22 -18.13 -23.94
CA VAL D 117 3.81 -19.25 -24.78
C VAL D 117 2.45 -19.84 -24.37
N LEU D 118 2.14 -19.86 -23.09
CA LEU D 118 0.83 -20.34 -22.64
C LEU D 118 -0.29 -19.32 -22.95
N ARG D 119 0.07 -18.03 -23.07
CA ARG D 119 -0.87 -16.99 -23.49
C ARG D 119 -1.25 -17.19 -24.96
N ARG D 120 -0.24 -17.28 -25.82
CA ARG D 120 -0.47 -17.50 -27.26
C ARG D 120 -1.37 -18.72 -27.52
N ARG D 121 -1.20 -19.78 -26.73
CA ARG D 121 -2.01 -20.98 -26.86
C ARG D 121 -3.35 -20.83 -26.16
N GLY D 122 -3.54 -19.69 -25.49
CA GLY D 122 -4.79 -19.40 -24.81
C GLY D 122 -5.02 -20.30 -23.61
N ALA D 123 -3.95 -20.64 -22.90
CA ALA D 123 -4.04 -21.45 -21.69
C ALA D 123 -4.46 -20.59 -20.50
N PRO D 124 -5.18 -21.17 -19.52
CA PRO D 124 -5.62 -20.39 -18.34
C PRO D 124 -4.43 -19.69 -17.67
N ARG D 125 -4.49 -18.37 -17.56
CA ARG D 125 -3.31 -17.57 -17.20
C ARG D 125 -2.92 -17.75 -15.72
N PRO D 126 -1.66 -17.38 -15.37
CA PRO D 126 -1.10 -17.66 -14.06
C PRO D 126 -1.50 -16.63 -13.01
N ARG D 127 -1.36 -17.01 -11.74
CA ARG D 127 -1.73 -16.15 -10.61
C ARG D 127 -0.65 -15.12 -10.35
N HIS D 128 0.60 -15.54 -10.45
CA HIS D 128 1.72 -14.67 -10.13
C HIS D 128 2.95 -15.10 -10.91
N LEU D 129 3.89 -14.17 -11.07
CA LEU D 129 5.18 -14.47 -11.68
C LEU D 129 6.31 -13.97 -10.78
N PHE D 130 7.14 -14.90 -10.30
CA PHE D 130 8.30 -14.56 -9.47
C PHE D 130 9.59 -14.81 -10.24
N VAL D 131 10.50 -13.85 -10.17
CA VAL D 131 11.79 -13.98 -10.82
C VAL D 131 12.87 -13.42 -9.92
N SER D 132 13.87 -14.23 -9.60
CA SER D 132 14.97 -13.76 -8.77
C SER D 132 16.29 -13.82 -9.54
N GLY D 133 17.22 -12.94 -9.16
CA GLY D 133 18.54 -12.88 -9.76
C GLY D 133 18.56 -12.85 -11.29
N SER D 134 17.58 -12.19 -11.89
CA SER D 134 17.49 -12.11 -13.36
C SER D 134 17.24 -10.69 -13.84
N ARG D 135 18.05 -10.24 -14.79
CA ARG D 135 17.81 -8.98 -15.50
C ARG D 135 16.57 -9.07 -16.38
N ALA D 136 16.07 -7.93 -16.84
CA ALA D 136 14.94 -7.91 -17.74
C ALA D 136 15.29 -8.58 -19.08
N PRO D 137 14.34 -9.29 -19.71
CA PRO D 137 14.54 -10.05 -20.95
C PRO D 137 15.26 -9.30 -22.09
N HIS D 138 14.81 -8.08 -22.42
CA HIS D 138 15.48 -7.29 -23.45
C HIS D 138 16.97 -7.07 -23.18
N LEU D 139 17.39 -7.20 -21.91
CA LEU D 139 18.80 -7.02 -21.54
C LEU D 139 19.64 -8.28 -21.69
N TYR D 140 19.05 -9.36 -22.21
CA TYR D 140 19.78 -10.64 -22.38
C TYR D 140 20.42 -10.79 -23.77
N GLY D 141 21.72 -11.12 -23.80
CA GLY D 141 22.45 -11.34 -25.06
C GLY D 141 23.93 -10.97 -25.04
N ASP D 142 24.30 -9.94 -24.29
CA ASP D 142 25.66 -9.36 -24.36
C ASP D 142 26.78 -10.25 -23.81
N ARG D 143 26.45 -11.19 -22.93
CA ARG D 143 27.45 -12.08 -22.33
C ARG D 143 27.59 -13.34 -23.16
N ALA D 144 28.80 -13.86 -23.22
CA ALA D 144 29.10 -15.08 -23.99
C ALA D 144 30.03 -15.98 -23.17
N ASP D 145 29.53 -16.40 -22.01
CA ASP D 145 30.33 -17.19 -21.07
C ASP D 145 30.20 -18.68 -21.31
N HIS D 146 29.18 -19.09 -22.06
CA HIS D 146 29.05 -20.49 -22.46
C HIS D 146 30.15 -20.88 -23.47
N THR D 147 30.78 -19.89 -24.10
CA THR D 147 31.86 -20.10 -25.04
C THR D 147 33.23 -20.15 -24.38
N LEU D 148 33.27 -20.12 -23.05
CA LEU D 148 34.53 -20.10 -22.32
C LEU D 148 35.10 -21.50 -22.19
N SER D 149 36.31 -21.57 -21.66
CA SER D 149 36.91 -22.83 -21.26
C SER D 149 36.24 -23.31 -19.97
N ASP D 150 36.79 -24.35 -19.36
CA ASP D 150 36.23 -24.87 -18.11
C ASP D 150 36.76 -24.11 -16.92
N THR D 151 38.08 -23.94 -16.87
CA THR D 151 38.69 -23.23 -15.74
C THR D 151 38.20 -21.78 -15.65
N ALA D 152 37.99 -21.14 -16.80
CA ALA D 152 37.40 -19.80 -16.83
C ALA D 152 35.95 -19.83 -16.34
N LEU D 153 35.19 -20.82 -16.82
CA LEU D 153 33.78 -20.96 -16.47
C LEU D 153 33.60 -21.44 -15.02
N ARG D 154 34.59 -22.16 -14.51
CA ARG D 154 34.60 -22.54 -13.12
C ARG D 154 34.75 -21.30 -12.28
N GLU D 155 35.79 -20.51 -12.56
CA GLU D 155 36.09 -19.33 -11.75
C GLU D 155 34.97 -18.29 -11.80
N VAL D 156 34.27 -18.19 -12.93
CA VAL D 156 33.15 -17.25 -13.04
C VAL D 156 32.00 -17.65 -12.11
N ILE D 157 31.70 -18.95 -12.05
CA ILE D 157 30.67 -19.44 -11.14
C ILE D 157 31.09 -19.28 -9.68
N ARG D 158 32.39 -19.47 -9.41
CA ARG D 158 32.95 -19.34 -8.07
C ARG D 158 32.84 -17.93 -7.53
N ASP D 159 33.12 -16.94 -8.38
CA ASP D 159 33.10 -15.53 -7.99
C ASP D 159 31.66 -14.99 -7.90
N LEU D 160 30.71 -15.73 -8.45
CA LEU D 160 29.28 -15.43 -8.31
C LEU D 160 28.64 -16.18 -7.13
N GLY D 161 29.40 -17.07 -6.48
CA GLY D 161 28.92 -17.81 -5.31
C GLY D 161 28.29 -19.15 -5.61
N GLY D 162 28.53 -19.69 -6.79
CA GLY D 162 27.90 -20.93 -7.24
C GLY D 162 28.56 -22.20 -6.76
N LEU D 163 29.89 -22.17 -6.61
CA LEU D 163 30.62 -23.27 -6.00
C LEU D 163 31.83 -22.73 -5.22
N ASP D 164 31.89 -23.10 -3.94
CA ASP D 164 32.99 -22.69 -3.08
C ASP D 164 34.08 -23.77 -3.11
N ASP D 167 30.48 -25.93 -2.15
CA ASP D 167 30.77 -27.33 -1.82
C ASP D 167 32.00 -27.84 -2.59
N THR D 168 32.55 -28.95 -2.10
CA THR D 168 33.60 -29.70 -2.82
C THR D 168 33.03 -31.03 -3.33
N LEU D 169 31.94 -31.48 -2.74
CA LEU D 169 31.03 -32.39 -3.42
C LEU D 169 30.59 -31.73 -4.73
N GLY D 170 30.17 -30.46 -4.63
CA GLY D 170 29.77 -29.69 -5.79
C GLY D 170 30.86 -29.68 -6.84
N ALA D 171 32.09 -29.43 -6.41
CA ALA D 171 33.28 -29.54 -7.27
C ALA D 171 33.21 -30.78 -8.16
N ALA D 172 32.84 -31.91 -7.58
CA ALA D 172 32.71 -33.15 -8.35
C ALA D 172 31.60 -33.00 -9.38
N TYR D 173 30.39 -32.72 -8.88
CA TYR D 173 29.21 -32.55 -9.74
C TYR D 173 29.33 -31.44 -10.78
N PHE D 174 30.32 -30.56 -10.62
CA PHE D 174 30.50 -29.44 -11.53
C PHE D 174 31.00 -29.95 -12.87
N ASP D 175 32.12 -30.66 -12.83
CA ASP D 175 32.63 -31.34 -14.01
C ASP D 175 31.49 -32.02 -14.77
N ARG D 176 30.78 -32.92 -14.11
CA ARG D 176 29.76 -33.71 -14.78
C ARG D 176 28.67 -32.90 -15.49
N ARG D 177 28.30 -31.75 -14.93
N ARG D 177 28.31 -31.75 -14.92
CA ARG D 177 27.17 -30.99 -15.45
CA ARG D 177 27.19 -30.95 -15.41
C ARG D 177 27.58 -29.82 -16.35
C ARG D 177 27.56 -29.89 -16.44
N LEU D 178 28.85 -29.78 -16.77
CA LEU D 178 29.35 -28.72 -17.69
C LEU D 178 28.66 -28.63 -19.06
N PRO D 179 28.45 -29.77 -19.74
CA PRO D 179 27.60 -29.74 -20.92
C PRO D 179 26.28 -29.03 -20.69
N VAL D 180 25.60 -29.39 -19.61
CA VAL D 180 24.23 -28.94 -19.35
C VAL D 180 24.23 -27.49 -18.95
N LEU D 181 25.27 -27.08 -18.22
CA LEU D 181 25.52 -25.66 -17.98
C LEU D 181 25.64 -24.91 -19.30
N ARG D 182 26.60 -25.30 -20.13
CA ARG D 182 26.82 -24.68 -21.45
C ARG D 182 25.54 -24.62 -22.27
N ALA D 183 24.77 -25.69 -22.27
CA ALA D 183 23.50 -25.71 -23.00
C ALA D 183 22.46 -24.80 -22.34
N ASP D 184 22.47 -24.71 -21.01
CA ASP D 184 21.62 -23.77 -20.30
C ASP D 184 22.01 -22.32 -20.59
N LEU D 185 23.30 -22.01 -20.51
CA LEU D 185 23.77 -20.64 -20.72
C LEU D 185 23.60 -20.14 -22.15
N ARG D 186 23.56 -21.07 -23.11
CA ARG D 186 23.45 -20.70 -24.51
C ARG D 186 22.05 -20.19 -24.84
N ALA D 187 21.04 -20.76 -24.19
CA ALA D 187 19.69 -20.26 -24.37
C ALA D 187 19.52 -18.85 -23.80
N CYS D 188 20.48 -18.38 -22.99
CA CYS D 188 20.40 -17.06 -22.35
C CYS D 188 21.17 -15.98 -23.09
N GLU D 189 22.07 -16.38 -23.97
CA GLU D 189 23.00 -15.45 -24.60
C GLU D 189 22.80 -15.35 -26.12
N ARG D 190 22.16 -16.38 -26.69
CA ARG D 190 21.70 -16.39 -28.08
C ARG D 190 20.24 -15.93 -28.14
N TYR D 191 19.67 -15.67 -26.96
CA TYR D 191 18.34 -15.09 -26.86
C TYR D 191 18.46 -13.61 -27.17
N ASP D 192 17.56 -13.11 -28.02
CA ASP D 192 17.36 -11.67 -28.14
C ASP D 192 15.86 -11.42 -28.14
N TRP D 193 15.43 -10.43 -27.38
CA TRP D 193 14.01 -10.25 -27.08
C TRP D 193 13.21 -9.74 -28.28
N HIS D 194 12.49 -10.67 -28.93
CA HIS D 194 11.42 -10.36 -29.88
C HIS D 194 10.40 -9.45 -29.20
N PRO D 195 10.29 -8.18 -29.64
CA PRO D 195 9.28 -7.32 -29.02
C PRO D 195 7.88 -7.91 -29.07
N ARG D 196 7.16 -7.75 -27.96
CA ARG D 196 5.84 -8.33 -27.78
C ARG D 196 5.13 -7.53 -26.69
N PRO D 197 3.81 -7.74 -26.52
CA PRO D 197 3.08 -6.95 -25.56
C PRO D 197 3.40 -7.34 -24.11
N PRO D 198 2.90 -6.57 -23.12
CA PRO D 198 3.12 -6.91 -21.72
C PRO D 198 2.10 -7.94 -21.20
N LEU D 199 2.49 -8.62 -20.12
CA LEU D 199 1.64 -9.62 -19.48
C LEU D 199 0.63 -8.99 -18.50
N ASP D 200 -0.54 -9.61 -18.38
CA ASP D 200 -1.58 -9.07 -17.49
C ASP D 200 -1.47 -9.57 -16.04
N CYS D 201 -0.71 -10.66 -15.83
CA CYS D 201 -0.53 -11.20 -14.47
C CYS D 201 0.44 -10.32 -13.66
N PRO D 202 0.35 -10.41 -12.32
CA PRO D 202 1.21 -9.63 -11.44
C PRO D 202 2.58 -10.28 -11.25
N THR D 203 3.60 -9.44 -11.15
CA THR D 203 4.98 -9.87 -11.20
C THR D 203 5.74 -9.38 -9.98
N THR D 204 6.56 -10.26 -9.40
CA THR D 204 7.43 -9.89 -8.30
C THR D 204 8.87 -10.29 -8.63
N ALA D 205 9.79 -9.34 -8.51
CA ALA D 205 11.18 -9.57 -8.88
C ALA D 205 12.12 -9.32 -7.71
N PHE D 206 13.09 -10.22 -7.55
CA PHE D 206 14.03 -10.15 -6.45
C PHE D 206 15.41 -9.80 -6.93
N SER D 207 15.95 -8.73 -6.36
CA SER D 207 17.33 -8.36 -6.60
C SER D 207 18.14 -8.83 -5.40
N ALA D 208 19.45 -8.77 -5.53
CA ALA D 208 20.39 -9.12 -4.47
C ALA D 208 21.49 -8.06 -4.45
N ALA D 209 21.89 -7.62 -3.29
CA ALA D 209 22.87 -6.56 -3.20
C ALA D 209 24.24 -6.88 -3.73
N ALA D 210 24.66 -8.12 -3.55
CA ALA D 210 26.01 -8.54 -3.90
C ALA D 210 26.05 -9.23 -5.24
N ASP D 211 25.09 -8.91 -6.10
CA ASP D 211 24.96 -9.50 -7.41
C ASP D 211 25.22 -8.52 -8.54
N PRO D 212 26.24 -8.76 -9.35
CA PRO D 212 26.48 -7.96 -10.57
C PRO D 212 25.52 -8.28 -11.72
N ILE D 213 25.22 -9.55 -11.92
CA ILE D 213 24.48 -10.01 -13.10
C ILE D 213 22.99 -9.65 -13.04
N ALA D 214 22.51 -9.31 -11.84
CA ALA D 214 21.16 -8.77 -11.67
C ALA D 214 21.16 -7.61 -10.66
N THR D 215 21.55 -6.43 -11.14
CA THR D 215 21.53 -5.21 -10.34
C THR D 215 20.11 -4.64 -10.26
N PRO D 216 19.83 -3.85 -9.21
CA PRO D 216 18.50 -3.25 -9.02
C PRO D 216 17.90 -2.65 -10.29
N GLU D 217 18.66 -1.81 -10.97
CA GLU D 217 18.23 -1.21 -12.24
C GLU D 217 17.87 -2.25 -13.31
N MET D 218 18.59 -3.38 -13.33
CA MET D 218 18.29 -4.48 -14.26
C MET D 218 17.00 -5.17 -13.88
N VAL D 219 16.80 -5.38 -12.59
CA VAL D 219 15.61 -6.04 -12.08
C VAL D 219 14.43 -5.08 -12.16
N GLU D 220 14.70 -3.80 -11.92
CA GLU D 220 13.69 -2.76 -12.12
C GLU D 220 13.14 -2.79 -13.53
N ALA D 221 13.99 -3.12 -14.50
CA ALA D 221 13.61 -3.15 -15.92
C ALA D 221 12.48 -4.14 -16.29
N TRP D 222 12.12 -5.04 -15.37
CA TRP D 222 10.98 -5.94 -15.58
C TRP D 222 9.62 -5.24 -15.50
N ARG D 223 9.59 -4.05 -14.93
CA ARG D 223 8.33 -3.38 -14.58
C ARG D 223 7.37 -3.30 -15.76
N PRO D 224 7.83 -2.72 -16.89
CA PRO D 224 6.96 -2.58 -18.06
C PRO D 224 6.63 -3.90 -18.76
N TYR D 225 7.17 -5.03 -18.28
CA TYR D 225 6.85 -6.35 -18.85
C TYR D 225 5.51 -6.89 -18.40
N THR D 226 4.81 -6.17 -17.52
CA THR D 226 3.48 -6.57 -17.10
C THR D 226 2.52 -5.39 -16.83
N THR D 227 1.23 -5.67 -16.97
CA THR D 227 0.16 -4.69 -16.75
C THR D 227 -0.33 -4.68 -15.31
N GLY D 228 -0.28 -5.84 -14.66
CA GLY D 228 -0.72 -5.99 -13.26
C GLY D 228 0.26 -5.39 -12.25
N SER D 229 0.08 -5.76 -10.99
CA SER D 229 0.87 -5.20 -9.90
C SER D 229 2.31 -5.68 -9.93
N PHE D 230 3.24 -4.74 -9.78
CA PHE D 230 4.65 -5.04 -9.76
C PHE D 230 5.35 -4.61 -8.47
N LEU D 231 6.05 -5.56 -7.84
CA LEU D 231 6.84 -5.30 -6.65
C LEU D 231 8.26 -5.78 -6.88
N ARG D 232 9.23 -4.95 -6.55
CA ARG D 232 10.61 -5.39 -6.49
C ARG D 232 11.02 -5.47 -5.03
N ARG D 233 11.07 -6.69 -4.50
CA ARG D 233 11.72 -6.94 -3.22
C ARG D 233 13.21 -6.90 -3.46
N HIS D 234 13.96 -6.50 -2.44
CA HIS D 234 15.40 -6.40 -2.54
C HIS D 234 16.03 -7.15 -1.38
N LEU D 235 16.76 -8.21 -1.70
CA LEU D 235 17.34 -9.10 -0.73
C LEU D 235 18.83 -8.85 -0.62
N PRO D 236 19.45 -9.34 0.47
CA PRO D 236 20.90 -9.25 0.59
C PRO D 236 21.56 -10.53 0.10
N GLY D 237 22.79 -10.41 -0.37
CA GLY D 237 23.55 -11.58 -0.82
C GLY D 237 23.81 -11.56 -2.32
N ASN D 238 24.18 -12.71 -2.85
CA ASN D 238 24.76 -12.80 -4.19
C ASN D 238 23.85 -13.50 -5.19
N HIS D 239 24.34 -13.65 -6.42
CA HIS D 239 23.61 -14.31 -7.48
C HIS D 239 23.14 -15.72 -7.10
N PHE D 240 23.87 -16.38 -6.19
CA PHE D 240 23.56 -17.76 -5.79
C PHE D 240 22.99 -17.92 -4.37
N PHE D 241 22.51 -16.82 -3.78
CA PHE D 241 21.87 -16.87 -2.46
C PHE D 241 20.89 -18.06 -2.29
N LEU D 242 20.21 -18.42 -3.38
CA LEU D 242 19.14 -19.43 -3.40
C LEU D 242 19.52 -20.78 -2.79
N ASN D 243 20.81 -21.12 -2.85
CA ASN D 243 21.28 -22.39 -2.31
C ASN D 243 21.04 -22.51 -0.81
N GLY D 244 21.35 -21.46 -0.06
CA GLY D 244 21.17 -21.46 1.39
C GLY D 244 21.49 -20.12 2.01
N GLY D 245 20.98 -19.89 3.22
CA GLY D 245 21.28 -18.67 3.97
C GLY D 245 20.06 -17.81 4.27
N PRO D 246 20.29 -16.61 4.85
CA PRO D 246 19.23 -15.72 5.29
C PRO D 246 18.29 -15.26 4.17
N SER D 247 18.83 -15.02 2.97
CA SER D 247 18.03 -14.54 1.84
C SER D 247 17.22 -15.64 1.12
N ARG D 248 17.67 -16.89 1.21
CA ARG D 248 16.86 -18.00 0.74
C ARG D 248 15.62 -18.09 1.62
N ASP D 249 15.84 -17.93 2.94
CA ASP D 249 14.76 -17.87 3.92
C ASP D 249 13.79 -16.72 3.65
N ARG D 250 14.32 -15.53 3.34
CA ARG D 250 13.46 -14.37 3.05
C ARG D 250 12.71 -14.50 1.74
N LEU D 251 13.39 -14.92 0.66
CA LEU D 251 12.70 -15.20 -0.60
C LEU D 251 11.47 -16.05 -0.31
N LEU D 252 11.68 -17.18 0.38
CA LEU D 252 10.59 -18.11 0.72
C LEU D 252 9.44 -17.49 1.51
N ALA D 253 9.76 -16.50 2.34
CA ALA D 253 8.77 -15.88 3.21
C ALA D 253 7.97 -14.89 2.39
N HIS D 254 8.64 -14.10 1.56
CA HIS D 254 7.95 -13.27 0.57
C HIS D 254 7.01 -14.08 -0.34
N LEU D 255 7.46 -15.22 -0.84
CA LEU D 255 6.60 -16.08 -1.65
C LEU D 255 5.35 -16.46 -0.87
N GLY D 256 5.54 -16.78 0.41
CA GLY D 256 4.43 -17.16 1.26
C GLY D 256 3.37 -16.10 1.46
N THR D 257 3.77 -14.82 1.36
CA THR D 257 2.84 -13.69 1.53
C THR D 257 1.97 -13.42 0.32
N GLU D 258 2.52 -13.60 -0.88
CA GLU D 258 1.77 -13.33 -2.13
C GLU D 258 1.01 -14.56 -2.68
N LEU D 259 1.44 -15.77 -2.31
CA LEU D 259 0.79 -17.00 -2.73
C LEU D 259 -0.66 -17.10 -2.23
O1 PG4 E . -28.33 21.90 12.46
C1 PG4 E . -29.28 21.12 11.71
C2 PG4 E . -28.84 19.67 11.54
O2 PG4 E . -29.99 18.89 11.16
C3 PG4 E . -29.71 17.48 10.97
C4 PG4 E . -31.03 16.72 11.01
O3 PG4 E . -31.69 16.94 12.26
C5 PG4 E . -33.10 16.71 12.27
C6 PG4 E . -33.84 17.64 13.23
O4 PG4 E . -35.24 17.68 12.90
C7 PG4 E . -35.77 18.98 12.58
C8 PG4 E . -37.12 18.86 11.87
O5 PG4 E . -37.02 19.08 10.45
#